data_2UVP
#
_entry.id   2UVP
#
_cell.length_a   112.232
_cell.length_b   112.232
_cell.length_c   61.929
_cell.angle_alpha   90.00
_cell.angle_beta   90.00
_cell.angle_gamma   120.00
#
_symmetry.space_group_name_H-M   'P 32'
#
loop_
_entity.id
_entity.type
_entity.pdbx_description
1 polymer HOBA
2 polymer HOBA
3 non-polymer 'ACETATE ION'
4 non-polymer 'CALCIUM ION'
5 non-polymer GLYCEROL
6 water water
#
loop_
_entity_poly.entity_id
_entity_poly.type
_entity_poly.pdbx_seq_one_letter_code
_entity_poly.pdbx_strand_id
1 'polypeptide(L)'
;GVSIRSMKNFYDWIKEFIRDQGEFIAQQSGWLELERSSYAKLIAQTISHVLNGGSLLVSADSSRHWFLNYILSNLNPKDL
KERPLLSVIDFNASSFYPKNDANLSLATIEMTYQNPMFWHVGKIENEGLKTILLSKIPSFLWLFEELKEDCLLLKEHDSL
LDYKLLQLFKLFENALFSVLYNKVTL
;
A
2 'polypeptide(L)'
;GVSIRSMKNFYDWIKEFVRDQGEFIAQQSGWLELERSSYAKLIAQTISHVLNGGSLLVSADSSRHWFLNYILSNLNPKDL
KERPLLSVIDFNASSFYPKNDANLSLATIEMTYQNPMFWHVGKIENEGLKTILLSKIPSFLWLFEELKEDCLLLKEHDSL
LDYKLLQLFKLFENALFSVLYNKVTL
;
B,C,D
#
# COMPACT_ATOMS: atom_id res chain seq x y z
N MET A 7 -12.48 -20.96 35.88
CA MET A 7 -12.38 -19.48 35.69
C MET A 7 -11.51 -18.79 36.72
N LYS A 8 -10.22 -18.77 36.44
CA LYS A 8 -9.26 -18.03 37.25
C LYS A 8 -9.57 -16.54 37.17
N ASN A 9 -9.18 -15.80 38.20
CA ASN A 9 -9.20 -14.37 38.10
C ASN A 9 -8.13 -13.91 37.11
N PHE A 10 -8.50 -12.94 36.27
CA PHE A 10 -7.59 -12.34 35.30
C PHE A 10 -6.20 -12.00 35.86
N TYR A 11 -6.15 -11.33 37.02
CA TYR A 11 -4.90 -10.85 37.59
C TYR A 11 -4.02 -11.98 38.11
N ASP A 12 -4.63 -13.06 38.58
CA ASP A 12 -3.89 -14.25 38.95
C ASP A 12 -3.35 -14.92 37.70
N TRP A 13 -4.25 -15.07 36.72
CA TRP A 13 -3.93 -15.74 35.48
C TRP A 13 -2.74 -15.05 34.77
N ILE A 14 -2.81 -13.73 34.68
CA ILE A 14 -1.81 -13.01 33.90
C ILE A 14 -0.40 -13.12 34.50
N LYS A 15 -0.32 -13.14 35.83
CA LYS A 15 0.97 -13.29 36.50
C LYS A 15 1.61 -14.64 36.13
N GLU A 16 0.82 -15.70 36.12
CA GLU A 16 1.30 -17.04 35.75
C GLU A 16 1.70 -17.08 34.27
N PHE A 17 0.85 -16.50 33.44
CA PHE A 17 1.08 -16.50 32.02
C PHE A 17 2.40 -15.81 31.71
N ILE A 18 2.62 -14.66 32.32
CA ILE A 18 3.85 -13.88 32.10
C ILE A 18 5.09 -14.67 32.55
N ARG A 19 5.00 -15.27 33.72
CA ARG A 19 6.13 -16.03 34.22
C ARG A 19 6.48 -17.16 33.24
N ASP A 20 5.46 -17.90 32.81
CA ASP A 20 5.64 -19.03 31.92
C ASP A 20 6.16 -18.56 30.54
N GLN A 21 5.65 -17.42 30.08
CA GLN A 21 6.04 -16.91 28.76
C GLN A 21 7.56 -16.65 28.71
N GLY A 22 8.07 -16.00 29.75
CA GLY A 22 9.48 -15.65 29.79
C GLY A 22 10.33 -16.90 30.00
N GLU A 23 9.82 -17.85 30.78
CA GLU A 23 10.56 -19.09 31.05
C GLU A 23 10.75 -19.92 29.78
N PHE A 24 9.71 -19.95 28.93
CA PHE A 24 9.81 -20.68 27.68
C PHE A 24 10.76 -19.98 26.70
N ILE A 25 10.67 -18.65 26.62
CA ILE A 25 11.65 -17.89 25.82
C ILE A 25 13.07 -18.24 26.23
N ALA A 26 13.32 -18.26 27.54
CA ALA A 26 14.65 -18.55 28.07
C ALA A 26 15.06 -19.97 27.67
N GLN A 27 14.13 -20.90 27.86
CA GLN A 27 14.41 -22.33 27.61
C GLN A 27 14.88 -22.54 26.18
N GLN A 28 14.19 -21.90 25.24
CA GLN A 28 14.42 -22.11 23.82
C GLN A 28 15.43 -21.16 23.22
N SER A 29 16.00 -20.31 24.07
CA SER A 29 16.84 -19.20 23.64
C SER A 29 18.15 -19.64 22.97
N GLY A 30 18.60 -20.87 23.23
CA GLY A 30 19.83 -21.38 22.60
C GLY A 30 19.59 -22.19 21.34
N TRP A 31 18.39 -22.10 20.76
CA TRP A 31 18.00 -22.90 19.62
C TRP A 31 18.96 -22.72 18.44
N LEU A 32 19.49 -21.51 18.24
CA LEU A 32 20.31 -21.26 17.06
C LEU A 32 21.67 -21.96 17.14
N GLU A 33 22.15 -22.23 18.36
CA GLU A 33 23.40 -23.00 18.56
C GLU A 33 23.23 -24.43 18.06
N LEU A 34 21.99 -24.92 18.07
CA LEU A 34 21.67 -26.29 17.67
C LEU A 34 21.12 -26.38 16.24
N GLU A 35 20.99 -25.23 15.57
CA GLU A 35 20.39 -25.21 14.25
C GLU A 35 21.37 -25.76 13.24
N ARG A 36 20.92 -26.77 12.48
CA ARG A 36 21.83 -27.49 11.61
C ARG A 36 21.67 -27.17 10.13
N SER A 37 20.63 -26.44 9.74
CA SER A 37 20.56 -25.96 8.34
C SER A 37 21.72 -24.98 8.12
N SER A 38 22.07 -24.75 6.86
CA SER A 38 23.31 -24.07 6.53
C SER A 38 23.17 -22.55 6.53
N TYR A 39 22.66 -22.02 7.63
CA TYR A 39 22.39 -20.58 7.70
C TYR A 39 23.65 -19.71 7.59
N ALA A 40 24.78 -20.18 8.13
CA ALA A 40 26.04 -19.43 8.03
C ALA A 40 26.47 -19.31 6.57
N LYS A 41 26.45 -20.43 5.85
CA LYS A 41 26.84 -20.41 4.44
C LYS A 41 25.89 -19.54 3.59
N LEU A 42 24.60 -19.67 3.87
CA LEU A 42 23.59 -18.90 3.13
C LEU A 42 23.72 -17.41 3.40
N ILE A 43 23.98 -17.06 4.66
CA ILE A 43 24.24 -15.68 5.01
C ILE A 43 25.48 -15.15 4.29
N ALA A 44 26.55 -15.94 4.27
CA ALA A 44 27.80 -15.51 3.60
C ALA A 44 27.54 -15.25 2.12
N GLN A 45 26.83 -16.18 1.47
CA GLN A 45 26.57 -16.09 0.04
C GLN A 45 25.71 -14.88 -0.29
N THR A 46 24.75 -14.60 0.58
CA THR A 46 23.91 -13.41 0.42
C THR A 46 24.71 -12.12 0.60
N ILE A 47 25.60 -12.08 1.59
CA ILE A 47 26.49 -10.94 1.78
C ILE A 47 27.39 -10.72 0.55
N SER A 48 27.97 -11.80 0.02
CA SER A 48 28.79 -11.70 -1.19
C SER A 48 27.99 -11.12 -2.36
N HIS A 49 26.74 -11.56 -2.49
CA HIS A 49 25.85 -11.05 -3.53
C HIS A 49 25.67 -9.55 -3.38
N VAL A 50 25.36 -9.11 -2.16
CA VAL A 50 25.25 -7.69 -1.88
C VAL A 50 26.54 -6.94 -2.22
N LEU A 51 27.68 -7.49 -1.81
CA LEU A 51 28.97 -6.85 -2.08
C LEU A 51 29.27 -6.73 -3.57
N ASN A 52 28.75 -7.67 -4.33
CA ASN A 52 28.97 -7.73 -5.76
C ASN A 52 28.03 -6.82 -6.56
N GLY A 53 27.23 -6.02 -5.84
CA GLY A 53 26.28 -5.11 -6.48
C GLY A 53 24.92 -5.73 -6.76
N GLY A 54 24.70 -6.91 -6.20
CA GLY A 54 23.43 -7.63 -6.39
C GLY A 54 22.23 -6.98 -5.72
N SER A 55 21.05 -7.23 -6.27
CA SER A 55 19.79 -6.77 -5.68
C SER A 55 19.11 -7.91 -4.92
N LEU A 56 18.33 -7.57 -3.89
CA LEU A 56 17.55 -8.57 -3.16
C LEU A 56 16.08 -8.33 -3.42
N LEU A 57 15.42 -9.34 -3.98
CA LEU A 57 14.00 -9.23 -4.29
C LEU A 57 13.31 -10.03 -3.20
N VAL A 58 12.64 -9.33 -2.29
CA VAL A 58 12.18 -9.95 -1.05
C VAL A 58 10.69 -10.25 -1.14
N SER A 59 10.33 -11.49 -0.79
CA SER A 59 8.93 -11.89 -0.76
C SER A 59 8.65 -12.67 0.52
N ALA A 60 7.38 -12.79 0.87
CA ALA A 60 6.95 -13.55 2.08
C ALA A 60 5.55 -14.05 1.89
N ASP A 61 5.21 -15.11 2.60
CA ASP A 61 3.84 -15.62 2.60
C ASP A 61 2.86 -14.63 3.25
N SER A 62 1.56 -14.90 3.10
CA SER A 62 0.54 -13.97 3.59
C SER A 62 0.74 -13.63 5.08
N SER A 63 1.01 -14.64 5.91
CA SER A 63 1.10 -14.40 7.35
C SER A 63 2.34 -13.59 7.71
N ARG A 64 3.30 -13.52 6.79
CA ARG A 64 4.59 -12.86 7.08
C ARG A 64 4.79 -11.52 6.38
N HIS A 65 3.70 -10.93 5.88
CA HIS A 65 3.83 -9.59 5.30
C HIS A 65 4.45 -8.61 6.29
N TRP A 66 4.12 -8.74 7.58
CA TRP A 66 4.75 -7.87 8.58
C TRP A 66 6.28 -8.02 8.55
N PHE A 67 6.77 -9.22 8.27
CA PHE A 67 8.21 -9.48 8.34
C PHE A 67 8.91 -8.97 7.06
N LEU A 68 8.21 -9.09 5.94
CA LEU A 68 8.65 -8.42 4.69
C LEU A 68 8.86 -6.93 4.98
N ASN A 69 7.87 -6.29 5.58
CA ASN A 69 7.95 -4.88 5.96
C ASN A 69 9.14 -4.61 6.87
N TYR A 70 9.32 -5.48 7.85
CA TYR A 70 10.45 -5.38 8.80
C TYR A 70 11.79 -5.43 8.06
N ILE A 71 11.92 -6.36 7.11
CA ILE A 71 13.18 -6.46 6.35
C ILE A 71 13.48 -5.15 5.61
N LEU A 72 12.48 -4.68 4.86
CA LEU A 72 12.66 -3.46 4.07
C LEU A 72 13.00 -2.25 4.95
N SER A 73 12.29 -2.07 6.05
CA SER A 73 12.52 -0.87 6.86
C SER A 73 13.81 -0.95 7.65
N ASN A 74 14.22 -2.16 8.03
CA ASN A 74 15.49 -2.28 8.74
C ASN A 74 16.70 -2.15 7.82
N LEU A 75 16.60 -2.72 6.63
CA LEU A 75 17.73 -2.67 5.70
C LEU A 75 17.96 -1.25 5.17
N ASN A 76 16.87 -0.54 4.92
CA ASN A 76 16.95 0.86 4.50
C ASN A 76 16.08 1.73 5.39
N PRO A 77 16.59 2.08 6.58
CA PRO A 77 15.79 2.87 7.51
C PRO A 77 15.57 4.28 6.96
N LYS A 78 14.59 5.00 7.53
CA LYS A 78 14.26 6.35 7.06
C LYS A 78 15.47 7.28 7.07
N ASP A 79 16.25 7.20 8.14
CA ASP A 79 17.51 7.94 8.25
C ASP A 79 18.66 6.95 8.08
N LEU A 80 19.30 7.00 6.90
CA LEU A 80 20.43 6.11 6.60
C LEU A 80 21.67 6.41 7.44
N LYS A 81 21.77 7.64 7.92
CA LYS A 81 22.99 8.15 8.52
C LYS A 81 24.17 7.88 7.60
N GLU A 82 25.10 7.02 8.01
N GLU A 82 25.12 7.04 8.00
CA GLU A 82 26.29 6.72 7.21
CA GLU A 82 26.27 6.73 7.16
C GLU A 82 26.18 5.44 6.36
C GLU A 82 26.26 5.32 6.57
N ARG A 83 25.06 4.73 6.49
CA ARG A 83 24.85 3.45 5.80
C ARG A 83 24.74 3.62 4.28
N PRO A 84 25.09 2.57 3.52
CA PRO A 84 24.81 2.59 2.09
C PRO A 84 23.31 2.46 1.85
N LEU A 85 22.84 2.90 0.70
CA LEU A 85 21.50 2.58 0.28
C LEU A 85 21.51 1.19 -0.34
N LEU A 86 20.88 0.22 0.32
CA LEU A 86 21.02 -1.17 -0.16
C LEU A 86 19.99 -1.49 -1.23
N SER A 87 20.39 -2.35 -2.17
CA SER A 87 19.53 -2.67 -3.29
C SER A 87 18.50 -3.75 -2.90
N VAL A 88 17.37 -3.30 -2.35
CA VAL A 88 16.36 -4.19 -1.76
C VAL A 88 15.01 -3.79 -2.36
N ILE A 89 14.27 -4.79 -2.83
CA ILE A 89 13.02 -4.58 -3.52
C ILE A 89 11.92 -5.42 -2.89
N ASP A 90 10.73 -4.83 -2.73
CA ASP A 90 9.55 -5.55 -2.29
C ASP A 90 8.99 -6.33 -3.49
N PHE A 91 9.30 -7.63 -3.53
CA PHE A 91 8.86 -8.46 -4.63
C PHE A 91 7.36 -8.76 -4.59
N ASN A 92 6.81 -8.95 -3.38
CA ASN A 92 5.36 -9.15 -3.22
C ASN A 92 4.60 -8.06 -3.95
N ALA A 93 5.12 -6.84 -3.90
CA ALA A 93 4.38 -5.68 -4.36
C ALA A 93 4.62 -5.39 -5.84
N SER A 94 5.55 -6.11 -6.44
CA SER A 94 5.94 -5.73 -7.80
C SER A 94 5.01 -6.31 -8.85
N SER A 95 4.99 -5.69 -10.02
CA SER A 95 4.15 -6.16 -11.11
C SER A 95 4.65 -7.50 -11.66
N PHE A 96 5.84 -7.93 -11.24
CA PHE A 96 6.44 -9.17 -11.76
C PHE A 96 6.16 -10.34 -10.87
N TYR A 97 5.54 -10.10 -9.72
CA TYR A 97 5.20 -11.21 -8.84
C TYR A 97 4.31 -12.17 -9.63
N PRO A 98 4.67 -13.46 -9.63
CA PRO A 98 3.95 -14.43 -10.47
C PRO A 98 2.66 -14.85 -9.81
N LYS A 99 1.56 -14.30 -10.29
CA LYS A 99 0.25 -14.86 -10.00
C LYS A 99 0.00 -15.97 -11.02
N ASN A 100 0.22 -15.66 -12.29
CA ASN A 100 0.25 -16.66 -13.38
C ASN A 100 0.48 -15.97 -14.71
N ASP A 101 1.54 -16.30 -15.47
CA ASP A 101 2.44 -17.47 -15.27
C ASP A 101 3.93 -17.14 -15.04
N ALA A 102 4.67 -18.12 -14.51
CA ALA A 102 6.04 -17.92 -14.03
C ALA A 102 7.13 -17.65 -15.10
N ASN A 103 6.95 -18.18 -16.30
CA ASN A 103 7.94 -17.96 -17.37
C ASN A 103 7.98 -16.51 -17.83
N LEU A 104 6.80 -15.89 -17.96
CA LEU A 104 6.73 -14.44 -18.23
C LEU A 104 7.41 -13.62 -17.15
N SER A 105 7.03 -13.86 -15.88
CA SER A 105 7.68 -13.11 -14.78
C SER A 105 9.19 -13.29 -14.79
N LEU A 106 9.66 -14.52 -14.93
CA LEU A 106 11.09 -14.78 -14.90
C LEU A 106 11.85 -14.00 -15.96
N ALA A 107 11.36 -14.07 -17.19
CA ALA A 107 12.02 -13.39 -18.31
C ALA A 107 12.04 -11.87 -18.07
N THR A 108 10.94 -11.33 -17.56
CA THR A 108 10.87 -9.89 -17.31
C THR A 108 11.82 -9.52 -16.18
N ILE A 109 11.89 -10.33 -15.15
CA ILE A 109 12.83 -10.09 -14.04
C ILE A 109 14.29 -10.12 -14.52
N GLU A 110 14.64 -11.15 -15.29
CA GLU A 110 16.00 -11.30 -15.81
C GLU A 110 16.39 -10.11 -16.69
N MET A 111 15.44 -9.57 -17.46
CA MET A 111 15.73 -8.44 -18.36
C MET A 111 15.78 -7.11 -17.61
N THR A 112 15.04 -7.02 -16.52
CA THR A 112 14.90 -5.78 -15.77
C THR A 112 16.05 -5.49 -14.82
N TYR A 113 16.45 -6.54 -14.08
CA TYR A 113 17.47 -6.40 -13.03
C TYR A 113 18.81 -6.92 -13.48
N GLN A 114 19.87 -6.20 -13.10
CA GLN A 114 21.22 -6.59 -13.48
C GLN A 114 21.64 -7.90 -12.81
N ASN A 115 21.27 -8.08 -11.55
CA ASN A 115 21.80 -9.22 -10.77
C ASN A 115 20.89 -9.49 -9.57
N PRO A 116 19.69 -10.06 -9.80
CA PRO A 116 18.76 -10.26 -8.68
C PRO A 116 19.04 -11.53 -7.89
N MET A 117 18.63 -11.52 -6.62
CA MET A 117 18.61 -12.73 -5.80
C MET A 117 17.27 -12.70 -5.08
N PHE A 118 16.57 -13.83 -5.07
CA PHE A 118 15.26 -13.92 -4.42
C PHE A 118 15.44 -14.26 -2.96
N TRP A 119 14.87 -13.46 -2.08
CA TRP A 119 14.89 -13.79 -0.64
C TRP A 119 13.45 -14.03 -0.27
N HIS A 120 13.11 -15.28 0.04
CA HIS A 120 11.70 -15.58 0.31
C HIS A 120 11.56 -16.13 1.70
N VAL A 121 10.53 -15.71 2.41
CA VAL A 121 10.23 -16.21 3.75
C VAL A 121 8.87 -16.84 3.85
N GLY A 122 8.85 -18.12 4.21
CA GLY A 122 7.62 -18.78 4.60
C GLY A 122 7.10 -19.72 3.52
N LYS A 123 5.80 -19.94 3.57
CA LYS A 123 5.11 -20.82 2.61
C LYS A 123 5.23 -20.28 1.20
N ILE A 124 5.27 -21.20 0.24
CA ILE A 124 5.24 -20.84 -1.17
C ILE A 124 3.79 -21.07 -1.64
N GLU A 125 3.03 -19.97 -1.73
CA GLU A 125 1.57 -20.07 -1.81
C GLU A 125 1.00 -20.23 -3.21
N ASN A 126 1.85 -20.19 -4.24
CA ASN A 126 1.40 -20.59 -5.57
C ASN A 126 2.51 -21.18 -6.44
N GLU A 127 2.09 -21.89 -7.48
CA GLU A 127 3.04 -22.63 -8.31
C GLU A 127 3.98 -21.72 -9.11
N GLY A 128 3.50 -20.54 -9.48
CA GLY A 128 4.33 -19.58 -10.20
C GLY A 128 5.53 -19.12 -9.39
N LEU A 129 5.31 -18.85 -8.10
CA LEU A 129 6.41 -18.51 -7.20
C LEU A 129 7.35 -19.72 -7.06
N LYS A 130 6.78 -20.90 -6.88
CA LYS A 130 7.59 -22.11 -6.75
C LYS A 130 8.52 -22.25 -7.96
N THR A 131 7.97 -22.07 -9.15
CA THR A 131 8.75 -22.16 -10.39
C THR A 131 9.88 -21.14 -10.42
N ILE A 132 9.63 -19.93 -9.94
CA ILE A 132 10.63 -18.88 -9.93
C ILE A 132 11.77 -19.24 -8.96
N LEU A 133 11.39 -19.71 -7.79
CA LEU A 133 12.37 -20.04 -6.77
C LEU A 133 13.19 -21.27 -7.17
N LEU A 134 12.58 -22.13 -7.98
CA LEU A 134 13.24 -23.31 -8.57
C LEU A 134 14.25 -22.95 -9.68
N SER A 135 14.21 -21.70 -10.15
CA SER A 135 15.01 -21.26 -11.28
C SER A 135 16.51 -21.14 -10.99
N LYS A 136 17.27 -20.71 -12.00
CA LYS A 136 18.71 -20.55 -11.94
C LYS A 136 19.10 -19.36 -11.07
N ILE A 137 18.18 -18.41 -10.90
CA ILE A 137 18.49 -17.17 -10.18
C ILE A 137 18.87 -17.52 -8.75
N PRO A 138 19.92 -16.88 -8.21
CA PRO A 138 20.34 -17.09 -6.83
C PRO A 138 19.19 -16.80 -5.86
N SER A 139 19.20 -17.48 -4.72
CA SER A 139 18.15 -17.29 -3.72
C SER A 139 18.64 -17.45 -2.27
N PHE A 140 17.88 -16.86 -1.35
CA PHE A 140 18.13 -16.94 0.09
C PHE A 140 16.78 -17.33 0.63
N LEU A 141 16.59 -18.62 0.87
CA LEU A 141 15.26 -19.15 1.13
C LEU A 141 15.10 -19.58 2.58
N TRP A 142 14.11 -18.98 3.23
CA TRP A 142 13.79 -19.30 4.60
C TRP A 142 12.47 -20.02 4.55
N LEU A 143 12.52 -21.34 4.58
CA LEU A 143 11.35 -22.15 4.23
C LEU A 143 10.96 -23.10 5.34
N PHE A 144 9.73 -23.59 5.27
CA PHE A 144 9.27 -24.62 6.19
C PHE A 144 9.60 -26.06 5.73
N GLU A 145 10.03 -26.19 4.48
CA GLU A 145 10.63 -27.43 3.98
C GLU A 145 11.57 -27.14 2.83
N GLU A 146 12.62 -27.94 2.69
CA GLU A 146 13.62 -27.69 1.67
C GLU A 146 12.97 -27.80 0.30
N LEU A 147 13.30 -26.86 -0.59
CA LEU A 147 12.73 -26.85 -1.91
C LEU A 147 13.69 -27.48 -2.91
N LYS A 148 14.97 -27.14 -2.77
CA LYS A 148 15.87 -27.11 -3.90
C LYS A 148 17.28 -27.40 -3.37
N GLU A 149 18.11 -26.36 -3.30
CA GLU A 149 19.42 -26.44 -2.65
C GLU A 149 19.24 -26.20 -1.15
N ASP A 150 20.35 -26.09 -0.42
CA ASP A 150 20.29 -25.76 1.00
C ASP A 150 19.42 -24.53 1.19
N CYS A 151 18.52 -24.61 2.16
CA CYS A 151 17.75 -23.45 2.57
C CYS A 151 17.88 -23.31 4.07
N LEU A 152 17.45 -22.17 4.59
CA LEU A 152 17.36 -21.99 6.03
C LEU A 152 16.01 -22.54 6.42
N LEU A 153 16.03 -23.54 7.31
CA LEU A 153 14.82 -24.27 7.66
C LEU A 153 14.18 -23.72 8.93
N LEU A 154 12.86 -23.48 8.86
CA LEU A 154 12.06 -22.99 9.99
C LEU A 154 10.96 -23.99 10.26
N LYS A 155 10.43 -23.99 11.48
CA LYS A 155 9.29 -24.84 11.84
C LYS A 155 7.99 -24.03 11.79
N GLU A 156 7.08 -24.43 10.92
CA GLU A 156 5.85 -23.66 10.67
C GLU A 156 4.97 -23.36 11.90
N HIS A 157 4.82 -24.34 12.78
CA HIS A 157 3.89 -24.17 13.90
C HIS A 157 4.60 -23.98 15.24
N ASP A 158 5.88 -23.63 15.15
CA ASP A 158 6.69 -23.24 16.29
C ASP A 158 6.07 -21.98 16.88
N SER A 159 5.63 -22.06 18.14
CA SER A 159 4.99 -20.89 18.77
C SER A 159 5.96 -19.73 18.88
N LEU A 160 7.28 -19.99 18.81
CA LEU A 160 8.33 -18.95 18.89
C LEU A 160 8.84 -18.45 17.54
N LEU A 161 8.20 -18.92 16.46
CA LEU A 161 8.62 -18.57 15.10
C LEU A 161 8.86 -17.07 14.93
N ASP A 162 7.90 -16.26 15.38
CA ASP A 162 8.01 -14.80 15.14
C ASP A 162 9.30 -14.23 15.74
N TYR A 163 9.66 -14.66 16.96
CA TYR A 163 10.91 -14.22 17.55
C TYR A 163 12.13 -14.70 16.75
N LYS A 164 12.08 -15.95 16.28
CA LYS A 164 13.19 -16.52 15.53
C LYS A 164 13.42 -15.77 14.24
N LEU A 165 12.33 -15.32 13.61
CA LEU A 165 12.48 -14.51 12.41
C LEU A 165 13.27 -13.22 12.71
N LEU A 166 12.89 -12.50 13.77
CA LEU A 166 13.63 -11.31 14.19
C LEU A 166 15.09 -11.63 14.45
N GLN A 167 15.31 -12.75 15.13
CA GLN A 167 16.64 -13.11 15.56
C GLN A 167 17.52 -13.41 14.34
N LEU A 168 16.97 -14.13 13.37
CA LEU A 168 17.73 -14.42 12.13
C LEU A 168 17.99 -13.15 11.32
N PHE A 169 17.01 -12.25 11.27
CA PHE A 169 17.27 -10.99 10.60
C PHE A 169 18.41 -10.24 11.25
N LYS A 170 18.37 -10.16 12.57
CA LYS A 170 19.36 -9.41 13.31
C LYS A 170 20.74 -10.05 13.12
N LEU A 171 20.77 -11.37 13.01
CA LEU A 171 22.02 -12.07 12.72
C LEU A 171 22.52 -11.67 11.31
N PHE A 172 21.61 -11.72 10.33
CA PHE A 172 21.95 -11.32 8.99
C PHE A 172 22.48 -9.90 8.90
N GLU A 173 21.79 -8.93 9.51
N GLU A 173 21.77 -8.95 9.51
CA GLU A 173 22.23 -7.53 9.39
CA GLU A 173 22.20 -7.56 9.42
C GLU A 173 23.56 -7.26 10.11
C GLU A 173 23.57 -7.35 10.06
N ASN A 174 23.78 -7.93 11.24
CA ASN A 174 25.07 -7.79 11.94
C ASN A 174 26.20 -8.41 11.11
N ALA A 175 25.92 -9.55 10.49
CA ALA A 175 26.90 -10.23 9.64
C ALA A 175 27.23 -9.34 8.47
N LEU A 176 26.21 -8.83 7.78
CA LEU A 176 26.42 -7.92 6.65
C LEU A 176 27.29 -6.71 6.98
N PHE A 177 26.95 -5.98 8.04
CA PHE A 177 27.67 -4.76 8.37
C PHE A 177 29.02 -5.05 8.98
N SER A 178 29.11 -6.18 9.67
CA SER A 178 30.42 -6.66 10.13
C SER A 178 31.38 -6.80 8.95
N VAL A 179 30.92 -7.35 7.83
CA VAL A 179 31.85 -7.41 6.69
C VAL A 179 32.00 -6.06 5.97
N LEU A 180 30.92 -5.30 5.86
CA LEU A 180 31.00 -3.97 5.24
C LEU A 180 31.94 -3.02 5.99
N TYR A 181 31.91 -3.08 7.31
CA TYR A 181 32.73 -2.20 8.13
C TYR A 181 34.05 -2.87 8.49
N ASN A 182 34.50 -3.78 7.61
CA ASN A 182 35.72 -4.58 7.77
C ASN A 182 36.09 -5.05 9.19
N LYS A 183 35.11 -5.63 9.88
CA LYS A 183 35.32 -6.21 11.20
C LYS A 183 35.55 -7.72 11.06
N VAL A 184 34.99 -8.27 9.98
CA VAL A 184 34.94 -9.68 9.74
C VAL A 184 35.26 -9.87 8.26
N THR A 185 36.00 -10.93 7.93
CA THR A 185 36.27 -11.24 6.52
C THR A 185 35.62 -12.55 6.11
N LEU A 186 35.01 -12.56 4.93
CA LEU A 186 34.44 -13.77 4.36
C LEU A 186 35.54 -14.69 3.80
N SER B 6 42.56 -6.44 14.54
CA SER B 6 42.73 -7.50 13.48
C SER B 6 41.37 -8.10 13.12
N MET B 7 41.24 -8.53 11.88
N MET B 7 41.23 -8.54 11.88
CA MET B 7 39.97 -9.05 11.36
CA MET B 7 39.96 -9.04 11.37
C MET B 7 39.68 -10.46 11.86
C MET B 7 39.68 -10.48 11.81
N LYS B 8 38.40 -10.77 12.03
CA LYS B 8 37.97 -12.10 12.47
C LYS B 8 37.44 -12.88 11.27
N ASN B 9 37.65 -14.19 11.27
CA ASN B 9 37.05 -15.06 10.25
C ASN B 9 35.54 -15.21 10.47
N PHE B 10 34.78 -15.06 9.38
CA PHE B 10 33.31 -15.07 9.41
C PHE B 10 32.72 -16.26 10.16
N TYR B 11 33.15 -17.47 9.82
CA TYR B 11 32.58 -18.68 10.39
C TYR B 11 32.91 -18.85 11.87
N ASP B 12 34.08 -18.38 12.29
CA ASP B 12 34.42 -18.30 13.71
C ASP B 12 33.56 -17.25 14.40
N TRP B 13 33.52 -16.06 13.82
CA TRP B 13 32.74 -14.96 14.36
C TRP B 13 31.27 -15.32 14.54
N ILE B 14 30.67 -15.95 13.53
CA ILE B 14 29.22 -16.15 13.58
C ILE B 14 28.84 -17.14 14.69
N LYS B 15 29.71 -18.12 14.95
CA LYS B 15 29.44 -19.10 16.00
C LYS B 15 29.37 -18.43 17.36
N GLU B 16 30.33 -17.55 17.62
N GLU B 16 30.33 -17.54 17.60
CA GLU B 16 30.37 -16.79 18.85
CA GLU B 16 30.40 -16.78 18.84
C GLU B 16 29.17 -15.86 18.94
C GLU B 16 29.22 -15.81 18.95
N PHE B 17 28.90 -15.16 17.84
CA PHE B 17 27.81 -14.18 17.81
C PHE B 17 26.47 -14.85 18.12
N VAL B 18 26.20 -15.98 17.48
CA VAL B 18 24.98 -16.73 17.72
C VAL B 18 24.85 -17.16 19.20
N ARG B 19 25.91 -17.73 19.77
CA ARG B 19 25.92 -18.11 21.17
C ARG B 19 25.55 -16.95 22.10
N ASP B 20 26.25 -15.83 21.92
N ASP B 20 26.27 -15.85 21.94
CA ASP B 20 26.05 -14.64 22.74
CA ASP B 20 26.05 -14.64 22.74
C ASP B 20 24.67 -13.99 22.55
C ASP B 20 24.62 -14.10 22.56
N GLN B 21 24.14 -14.08 21.33
CA GLN B 21 22.81 -13.54 21.01
C GLN B 21 21.71 -14.28 21.81
N GLY B 22 21.73 -15.61 21.77
CA GLY B 22 20.75 -16.40 22.51
C GLY B 22 20.92 -16.25 24.00
N GLU B 23 22.17 -16.18 24.45
CA GLU B 23 22.39 -16.05 25.89
C GLU B 23 21.92 -14.71 26.46
N PHE B 24 22.05 -13.65 25.67
CA PHE B 24 21.56 -12.35 26.12
C PHE B 24 20.03 -12.38 26.18
N ILE B 25 19.38 -12.98 25.17
CA ILE B 25 17.92 -13.17 25.21
C ILE B 25 17.53 -13.91 26.49
N ALA B 26 18.28 -14.96 26.82
CA ALA B 26 17.99 -15.72 28.05
C ALA B 26 18.16 -14.84 29.29
N GLN B 27 19.24 -14.06 29.33
CA GLN B 27 19.53 -13.25 30.51
C GLN B 27 18.39 -12.26 30.80
N GLN B 28 17.81 -11.74 29.72
CA GLN B 28 16.78 -10.70 29.81
C GLN B 28 15.34 -11.21 29.78
N SER B 29 15.18 -12.52 29.66
CA SER B 29 13.87 -13.12 29.39
C SER B 29 12.82 -12.94 30.50
N GLY B 30 13.25 -12.63 31.73
CA GLY B 30 12.32 -12.47 32.85
C GLY B 30 11.90 -11.02 33.09
N TRP B 31 12.18 -10.15 32.13
CA TRP B 31 11.99 -8.72 32.31
C TRP B 31 10.55 -8.37 32.69
N LEU B 32 9.58 -9.02 32.05
CA LEU B 32 8.18 -8.63 32.24
C LEU B 32 7.66 -9.08 33.63
N GLU B 33 8.13 -10.26 34.07
CA GLU B 33 7.85 -10.76 35.42
C GLU B 33 8.30 -9.76 36.50
N LEU B 34 9.37 -9.03 36.23
CA LEU B 34 9.91 -8.06 37.17
C LEU B 34 9.18 -6.72 37.19
N GLU B 35 8.40 -6.43 36.14
CA GLU B 35 7.74 -5.13 36.03
C GLU B 35 6.63 -4.99 37.07
N ARG B 36 6.48 -3.80 37.64
CA ARG B 36 5.28 -3.47 38.38
C ARG B 36 4.08 -3.83 37.49
N SER B 37 3.11 -4.50 38.09
CA SER B 37 2.06 -5.17 37.37
C SER B 37 1.08 -4.20 36.69
N SER B 38 1.43 -2.91 36.60
CA SER B 38 0.50 -1.84 36.15
C SER B 38 -0.06 -2.08 34.74
N TYR B 39 0.74 -2.74 33.92
CA TYR B 39 0.36 -3.12 32.57
C TYR B 39 -0.85 -4.05 32.54
N ALA B 40 -1.04 -4.84 33.59
CA ALA B 40 -2.15 -5.78 33.64
C ALA B 40 -3.49 -5.04 33.64
N LYS B 41 -3.56 -3.96 34.43
CA LYS B 41 -4.77 -3.14 34.51
C LYS B 41 -5.04 -2.50 33.14
N LEU B 42 -3.98 -2.05 32.49
CA LEU B 42 -4.12 -1.36 31.20
C LEU B 42 -4.65 -2.33 30.15
N ILE B 43 -4.08 -3.54 30.14
CA ILE B 43 -4.55 -4.61 29.24
C ILE B 43 -6.02 -4.92 29.55
N ALA B 44 -6.36 -5.02 30.82
CA ALA B 44 -7.74 -5.31 31.23
C ALA B 44 -8.69 -4.24 30.71
N GLN B 45 -8.29 -2.97 30.82
CA GLN B 45 -9.14 -1.86 30.37
C GLN B 45 -9.38 -1.94 28.85
N THR B 46 -8.35 -2.35 28.13
CA THR B 46 -8.41 -2.47 26.68
C THR B 46 -9.34 -3.62 26.28
N ILE B 47 -9.21 -4.73 26.99
CA ILE B 47 -10.12 -5.86 26.78
C ILE B 47 -11.58 -5.46 27.06
N SER B 48 -11.82 -4.72 28.16
CA SER B 48 -13.18 -4.31 28.49
C SER B 48 -13.74 -3.43 27.38
N HIS B 49 -12.90 -2.55 26.84
CA HIS B 49 -13.28 -1.73 25.71
C HIS B 49 -13.74 -2.62 24.52
N VAL B 50 -12.95 -3.63 24.16
CA VAL B 50 -13.34 -4.55 23.08
C VAL B 50 -14.63 -5.28 23.44
N LEU B 51 -14.70 -5.78 24.65
CA LEU B 51 -15.91 -6.47 25.11
C LEU B 51 -17.15 -5.61 24.94
N ASN B 52 -17.00 -4.33 25.27
CA ASN B 52 -18.10 -3.37 25.24
C ASN B 52 -18.48 -2.87 23.85
N GLY B 53 -17.86 -3.42 22.81
CA GLY B 53 -18.20 -3.03 21.45
C GLY B 53 -17.31 -1.94 20.88
N GLY B 54 -16.21 -1.65 21.57
CA GLY B 54 -15.31 -0.59 21.11
C GLY B 54 -14.40 -1.00 19.95
N SER B 55 -13.87 0.02 19.26
CA SER B 55 -12.94 -0.20 18.15
C SER B 55 -11.52 0.19 18.60
N LEU B 56 -10.51 -0.42 17.98
CA LEU B 56 -9.12 -0.08 18.25
C LEU B 56 -8.57 0.60 17.01
N LEU B 57 -8.20 1.87 17.14
CA LEU B 57 -7.58 2.64 16.05
C LEU B 57 -6.07 2.61 16.28
N VAL B 58 -5.37 1.84 15.44
CA VAL B 58 -3.98 1.46 15.72
C VAL B 58 -3.02 2.33 14.91
N SER B 59 -2.06 2.97 15.58
CA SER B 59 -1.04 3.76 14.89
C SER B 59 0.35 3.38 15.42
N ALA B 60 1.37 3.73 14.64
CA ALA B 60 2.74 3.39 15.05
C ALA B 60 3.68 4.40 14.44
N ASP B 61 4.82 4.62 15.09
CA ASP B 61 5.86 5.48 14.51
C ASP B 61 6.44 4.86 13.24
N SER B 62 7.27 5.62 12.52
CA SER B 62 7.76 5.17 11.23
C SER B 62 8.53 3.85 11.33
N SER B 63 9.34 3.70 12.38
CA SER B 63 10.15 2.49 12.53
C SER B 63 9.33 1.25 12.86
N ARG B 64 8.10 1.48 13.34
CA ARG B 64 7.24 0.37 13.80
C ARG B 64 6.05 0.10 12.87
N HIS B 65 6.11 0.59 11.62
CA HIS B 65 5.06 0.21 10.68
C HIS B 65 4.90 -1.31 10.57
N TRP B 66 6.01 -2.05 10.60
CA TRP B 66 5.93 -3.50 10.56
C TRP B 66 5.08 -4.06 11.70
N PHE B 67 5.17 -3.43 12.86
CA PHE B 67 4.46 -3.91 14.04
C PHE B 67 2.96 -3.55 13.97
N LEU B 68 2.65 -2.37 13.41
CA LEU B 68 1.26 -2.06 13.04
C LEU B 68 0.66 -3.18 12.15
N ASN B 69 1.40 -3.55 11.12
CA ASN B 69 1.01 -4.63 10.22
C ASN B 69 0.76 -5.92 11.01
N TYR B 70 1.69 -6.22 11.90
CA TYR B 70 1.61 -7.42 12.73
C TYR B 70 0.36 -7.46 13.58
N ILE B 71 0.07 -6.34 14.25
CA ILE B 71 -1.13 -6.23 15.06
C ILE B 71 -2.36 -6.53 14.22
N LEU B 72 -2.47 -5.85 13.08
CA LEU B 72 -3.65 -5.99 12.23
C LEU B 72 -3.81 -7.44 11.76
N SER B 73 -2.71 -8.03 11.29
CA SER B 73 -2.80 -9.36 10.69
C SER B 73 -2.94 -10.46 11.75
N ASN B 74 -2.41 -10.24 12.95
CA ASN B 74 -2.64 -11.19 14.01
C ASN B 74 -4.03 -11.13 14.64
N LEU B 75 -4.56 -9.92 14.84
CA LEU B 75 -5.88 -9.79 15.46
C LEU B 75 -6.98 -10.29 14.53
N ASN B 76 -6.83 -10.05 13.24
CA ASN B 76 -7.78 -10.54 12.24
C ASN B 76 -7.02 -11.29 11.14
N PRO B 77 -6.68 -12.56 11.42
CA PRO B 77 -5.92 -13.37 10.47
C PRO B 77 -6.73 -13.66 9.20
N LYS B 78 -6.03 -14.11 8.16
N LYS B 78 -6.02 -14.08 8.15
CA LYS B 78 -6.64 -14.38 6.86
CA LYS B 78 -6.62 -14.44 6.87
C LYS B 78 -7.73 -15.46 6.98
C LYS B 78 -7.77 -15.41 7.07
N ASP B 79 -7.51 -16.46 7.82
CA ASP B 79 -8.53 -17.44 8.16
C ASP B 79 -8.93 -17.25 9.63
N LEU B 80 -10.12 -16.68 9.82
CA LEU B 80 -10.64 -16.40 11.16
C LEU B 80 -11.03 -17.67 11.91
N LYS B 81 -11.28 -18.75 11.18
CA LYS B 81 -11.80 -19.98 11.77
C LYS B 81 -13.05 -19.67 12.60
N GLU B 82 -13.03 -19.90 13.91
CA GLU B 82 -14.21 -19.61 14.74
C GLU B 82 -14.11 -18.25 15.44
N ARG B 83 -13.02 -17.51 15.18
CA ARG B 83 -12.79 -16.23 15.85
C ARG B 83 -13.82 -15.19 15.43
N PRO B 84 -14.09 -14.21 16.30
CA PRO B 84 -14.90 -13.03 15.92
C PRO B 84 -14.06 -12.16 14.98
N LEU B 85 -14.74 -11.31 14.21
CA LEU B 85 -14.05 -10.32 13.40
C LEU B 85 -13.90 -9.10 14.30
N LEU B 86 -12.68 -8.84 14.77
CA LEU B 86 -12.47 -7.78 15.73
C LEU B 86 -12.44 -6.40 15.11
N SER B 87 -12.96 -5.42 15.86
CA SER B 87 -13.05 -4.06 15.32
C SER B 87 -11.70 -3.34 15.47
N VAL B 88 -10.89 -3.49 14.43
CA VAL B 88 -9.49 -3.01 14.41
C VAL B 88 -9.27 -2.20 13.12
N ILE B 89 -8.66 -1.02 13.27
CA ILE B 89 -8.52 -0.04 12.19
C ILE B 89 -7.06 0.39 12.08
N ASP B 90 -6.53 0.43 10.85
CA ASP B 90 -5.20 1.00 10.62
C ASP B 90 -5.36 2.52 10.63
N PHE B 91 -5.01 3.14 11.75
CA PHE B 91 -5.17 4.59 11.88
C PHE B 91 -4.09 5.33 11.09
N ASN B 92 -2.86 4.80 11.02
CA ASN B 92 -1.82 5.39 10.17
C ASN B 92 -2.33 5.67 8.77
N ALA B 93 -3.10 4.73 8.22
CA ALA B 93 -3.53 4.82 6.82
C ALA B 93 -4.81 5.64 6.63
N SER B 94 -5.43 6.04 7.75
CA SER B 94 -6.73 6.72 7.75
C SER B 94 -6.63 8.13 7.12
N SER B 95 -7.69 8.57 6.46
CA SER B 95 -7.77 9.96 6.04
C SER B 95 -7.84 10.93 7.23
N PHE B 96 -8.10 10.40 8.43
CA PHE B 96 -8.24 11.24 9.63
C PHE B 96 -6.94 11.34 10.40
N TYR B 97 -5.90 10.68 9.93
CA TYR B 97 -4.61 10.78 10.60
C TYR B 97 -4.19 12.26 10.58
N PRO B 98 -3.88 12.81 11.77
CA PRO B 98 -3.62 14.26 11.82
C PRO B 98 -2.27 14.65 11.19
N LYS B 99 -2.27 15.78 10.49
CA LYS B 99 -1.02 16.41 10.03
C LYS B 99 -0.95 17.83 10.56
N ASN B 100 -1.50 18.80 9.81
CA ASN B 100 -1.46 20.21 10.21
C ASN B 100 -2.10 20.46 11.61
N ASP B 101 -3.41 20.69 11.73
CA ASP B 101 -4.43 20.80 10.68
C ASP B 101 -5.73 21.03 11.41
N ALA B 102 -5.75 22.02 12.30
CA ALA B 102 -6.87 22.25 13.23
C ALA B 102 -7.15 20.95 13.99
N ASN B 103 -8.14 20.97 14.89
CA ASN B 103 -8.66 19.67 15.29
C ASN B 103 -9.93 19.08 14.77
N LEU B 104 -9.92 19.22 13.44
CA LEU B 104 -10.77 18.54 12.56
C LEU B 104 -10.62 17.04 12.77
N SER B 105 -9.40 16.50 12.93
CA SER B 105 -9.28 15.03 13.05
C SER B 105 -10.12 14.46 14.19
N LEU B 106 -9.98 15.01 15.40
CA LEU B 106 -10.71 14.44 16.53
C LEU B 106 -12.22 14.48 16.32
N ALA B 107 -12.74 15.61 15.83
CA ALA B 107 -14.19 15.74 15.65
C ALA B 107 -14.71 14.74 14.61
N THR B 108 -13.93 14.58 13.54
CA THR B 108 -14.34 13.62 12.48
C THR B 108 -14.24 12.19 13.02
N ILE B 109 -13.20 11.88 13.78
CA ILE B 109 -13.07 10.57 14.40
C ILE B 109 -14.26 10.28 15.34
N GLU B 110 -14.62 11.26 16.19
CA GLU B 110 -15.69 11.05 17.17
C GLU B 110 -17.08 10.87 16.53
N MET B 111 -17.29 11.50 15.39
CA MET B 111 -18.55 11.40 14.66
C MET B 111 -18.62 10.10 13.83
N THR B 112 -17.44 9.62 13.42
CA THR B 112 -17.37 8.47 12.51
C THR B 112 -17.52 7.14 13.25
N TYR B 113 -16.83 7.02 14.39
CA TYR B 113 -16.76 5.77 15.12
C TYR B 113 -17.66 5.82 16.36
N GLN B 114 -18.35 4.70 16.64
CA GLN B 114 -19.22 4.63 17.80
C GLN B 114 -18.40 4.77 19.11
N ASN B 115 -17.26 4.09 19.19
CA ASN B 115 -16.56 4.00 20.46
C ASN B 115 -15.08 3.70 20.22
N PRO B 116 -14.32 4.69 19.71
CA PRO B 116 -12.91 4.46 19.38
C PRO B 116 -11.98 4.49 20.59
N MET B 117 -10.92 3.67 20.53
CA MET B 117 -9.79 3.78 21.46
C MET B 117 -8.52 3.84 20.60
N PHE B 118 -7.62 4.76 20.94
CA PHE B 118 -6.35 4.86 20.20
C PHE B 118 -5.29 3.97 20.79
N TRP B 119 -4.79 3.06 19.96
CA TRP B 119 -3.67 2.22 20.36
C TRP B 119 -2.47 2.67 19.56
N HIS B 120 -1.55 3.36 20.22
CA HIS B 120 -0.38 3.90 19.52
C HIS B 120 0.88 3.23 20.03
N VAL B 121 1.79 2.93 19.12
CA VAL B 121 3.07 2.29 19.48
C VAL B 121 4.25 3.13 18.99
N GLY B 122 5.09 3.58 19.95
CA GLY B 122 6.38 4.23 19.65
C GLY B 122 6.35 5.76 19.74
N LYS B 123 7.26 6.41 19.00
CA LYS B 123 7.35 7.87 18.98
C LYS B 123 6.09 8.51 18.48
N ILE B 124 5.82 9.71 19.00
CA ILE B 124 4.70 10.51 18.54
C ILE B 124 5.34 11.57 17.66
N GLU B 125 5.17 11.40 16.35
CA GLU B 125 6.04 12.09 15.39
C GLU B 125 5.49 13.43 14.89
N ASN B 126 4.28 13.77 15.32
CA ASN B 126 3.78 15.14 15.10
C ASN B 126 2.84 15.63 16.19
N GLU B 127 2.74 16.95 16.30
CA GLU B 127 1.93 17.57 17.34
C GLU B 127 0.46 17.22 17.27
N GLY B 128 -0.06 17.08 16.05
CA GLY B 128 -1.47 16.73 15.86
C GLY B 128 -1.81 15.39 16.52
N LEU B 129 -0.98 14.39 16.26
CA LEU B 129 -1.15 13.09 16.90
C LEU B 129 -1.04 13.24 18.41
N LYS B 130 -0.03 14.01 18.86
CA LYS B 130 0.14 14.19 20.29
C LYS B 130 -1.11 14.75 20.94
N THR B 131 -1.69 15.75 20.29
CA THR B 131 -2.88 16.37 20.79
C THR B 131 -4.01 15.36 20.93
N ILE B 132 -4.22 14.52 19.92
CA ILE B 132 -5.28 13.52 19.99
C ILE B 132 -5.02 12.47 21.08
N LEU B 133 -3.78 11.98 21.16
CA LEU B 133 -3.46 10.95 22.12
C LEU B 133 -3.60 11.46 23.56
N LEU B 134 -3.54 12.79 23.73
CA LEU B 134 -3.86 13.48 25.00
C LEU B 134 -5.34 13.78 25.22
N SER B 135 -6.17 13.46 24.24
CA SER B 135 -7.58 13.82 24.32
C SER B 135 -8.32 12.91 25.29
N LYS B 136 -9.63 13.12 25.45
CA LYS B 136 -10.45 12.35 26.40
C LYS B 136 -10.73 10.95 25.87
N ILE B 137 -10.37 10.73 24.61
CA ILE B 137 -10.60 9.47 23.96
C ILE B 137 -9.77 8.39 24.70
N PRO B 138 -10.40 7.25 24.96
CA PRO B 138 -9.74 6.11 25.55
C PRO B 138 -8.48 5.77 24.75
N SER B 139 -7.46 5.27 25.42
CA SER B 139 -6.22 4.94 24.71
C SER B 139 -5.49 3.75 25.33
N PHE B 140 -4.63 3.15 24.53
CA PHE B 140 -3.75 2.04 24.91
C PHE B 140 -2.43 2.47 24.34
N LEU B 141 -1.62 3.18 25.13
CA LEU B 141 -0.41 3.80 24.57
C LEU B 141 0.84 3.04 24.99
N TRP B 142 1.65 2.70 23.99
CA TRP B 142 2.92 2.01 24.23
C TRP B 142 3.97 3.02 23.79
N LEU B 143 4.55 3.73 24.77
CA LEU B 143 5.33 4.91 24.47
C LEU B 143 6.74 4.80 25.01
N PHE B 144 7.61 5.66 24.49
CA PHE B 144 8.99 5.78 25.00
C PHE B 144 9.19 6.79 26.12
N GLU B 145 8.21 7.66 26.31
CA GLU B 145 8.22 8.57 27.45
C GLU B 145 6.83 8.55 28.06
N GLU B 146 6.77 8.81 29.36
CA GLU B 146 5.54 8.63 30.10
C GLU B 146 4.68 9.85 29.93
N LEU B 147 4.02 9.93 28.79
CA LEU B 147 3.24 11.13 28.49
C LEU B 147 1.84 11.17 29.14
N LYS B 148 1.41 10.02 29.65
CA LYS B 148 0.36 9.91 30.69
C LYS B 148 0.76 8.83 31.68
N GLU B 149 0.18 8.86 32.89
CA GLU B 149 0.62 7.91 33.92
C GLU B 149 0.28 6.48 33.53
N ASP B 150 -0.87 6.31 32.88
CA ASP B 150 -1.33 5.01 32.42
C ASP B 150 -0.91 4.78 30.97
N CYS B 151 0.29 4.29 30.81
CA CYS B 151 0.75 3.85 29.51
C CYS B 151 1.70 2.70 29.76
N LEU B 152 1.94 1.96 28.71
CA LEU B 152 2.98 0.95 28.70
C LEU B 152 4.27 1.65 28.28
N LEU B 153 5.30 1.55 29.10
CA LEU B 153 6.54 2.28 28.82
C LEU B 153 7.58 1.32 28.26
N LEU B 154 7.92 1.56 27.00
CA LEU B 154 8.92 0.79 26.27
C LEU B 154 10.27 1.47 26.45
N LYS B 155 11.34 0.68 26.41
CA LYS B 155 12.70 1.26 26.48
C LYS B 155 13.22 1.49 25.08
N GLU B 156 13.40 2.76 24.74
CA GLU B 156 13.61 3.16 23.34
C GLU B 156 14.84 2.56 22.63
N HIS B 157 15.99 2.57 23.27
CA HIS B 157 17.16 2.07 22.53
C HIS B 157 17.59 0.69 23.07
N ASP B 158 16.61 -0.05 23.57
CA ASP B 158 16.80 -1.40 24.08
C ASP B 158 17.06 -2.28 22.86
N SER B 159 18.17 -3.00 22.84
CA SER B 159 18.46 -3.83 21.66
C SER B 159 17.45 -4.94 21.50
N LEU B 160 16.70 -5.26 22.57
CA LEU B 160 15.69 -6.33 22.50
C LEU B 160 14.28 -5.80 22.28
N LEU B 161 14.15 -4.51 21.96
CA LEU B 161 12.83 -3.88 21.85
C LEU B 161 11.89 -4.70 20.93
N ASP B 162 12.41 -5.11 19.77
CA ASP B 162 11.54 -5.74 18.77
C ASP B 162 10.92 -7.04 19.32
N TYR B 163 11.73 -7.83 20.04
CA TYR B 163 11.18 -9.02 20.69
C TYR B 163 10.13 -8.68 21.73
N LYS B 164 10.38 -7.59 22.48
CA LYS B 164 9.47 -7.24 23.58
C LYS B 164 8.14 -6.80 23.00
N LEU B 165 8.17 -6.18 21.82
CA LEU B 165 6.91 -5.81 21.17
C LEU B 165 6.09 -7.05 20.83
N LEU B 166 6.75 -8.07 20.26
CA LEU B 166 6.07 -9.34 19.96
C LEU B 166 5.54 -9.96 21.25
N GLN B 167 6.36 -9.94 22.29
CA GLN B 167 6.00 -10.58 23.54
C GLN B 167 4.76 -9.89 24.17
N LEU B 168 4.79 -8.57 24.20
CA LEU B 168 3.64 -7.80 24.71
C LEU B 168 2.38 -8.03 23.87
N PHE B 169 2.55 -8.12 22.55
CA PHE B 169 1.39 -8.42 21.73
C PHE B 169 0.83 -9.79 22.05
N LYS B 170 1.72 -10.77 22.15
CA LYS B 170 1.29 -12.15 22.41
C LYS B 170 0.57 -12.23 23.77
N LEU B 171 1.09 -11.50 24.77
CA LEU B 171 0.42 -11.34 26.04
C LEU B 171 -0.99 -10.76 25.86
N PHE B 172 -1.07 -9.68 25.09
CA PHE B 172 -2.35 -9.02 24.90
C PHE B 172 -3.37 -9.96 24.24
N GLU B 173 -2.98 -10.62 23.14
CA GLU B 173 -3.97 -11.44 22.40
C GLU B 173 -4.41 -12.62 23.27
N ASN B 174 -3.49 -13.19 24.05
CA ASN B 174 -3.89 -14.31 24.91
C ASN B 174 -4.80 -13.85 26.04
N ALA B 175 -4.53 -12.66 26.58
CA ALA B 175 -5.36 -12.09 27.62
C ALA B 175 -6.75 -11.80 27.05
N LEU B 176 -6.78 -11.22 25.87
CA LEU B 176 -8.06 -10.86 25.26
C LEU B 176 -8.93 -12.11 25.03
N PHE B 177 -8.38 -13.14 24.38
CA PHE B 177 -9.19 -14.34 24.11
C PHE B 177 -9.47 -15.17 25.34
N SER B 178 -8.55 -15.15 26.31
CA SER B 178 -8.85 -15.79 27.58
C SER B 178 -10.10 -15.18 28.18
N VAL B 179 -10.27 -13.85 28.12
CA VAL B 179 -11.52 -13.32 28.62
C VAL B 179 -12.69 -13.52 27.65
N LEU B 180 -12.48 -13.29 26.36
CA LEU B 180 -13.58 -13.47 25.39
C LEU B 180 -14.18 -14.85 25.47
N TYR B 181 -13.34 -15.85 25.72
CA TYR B 181 -13.75 -17.28 25.70
C TYR B 181 -14.14 -17.80 27.11
N ASN B 182 -14.33 -16.87 28.05
CA ASN B 182 -14.77 -17.17 29.41
C ASN B 182 -13.82 -18.13 30.15
N LYS B 183 -12.52 -18.02 29.84
CA LYS B 183 -11.50 -18.83 30.53
C LYS B 183 -11.08 -18.15 31.82
N VAL B 184 -11.19 -16.81 31.84
CA VAL B 184 -10.87 -16.03 33.02
C VAL B 184 -11.91 -14.94 33.22
N THR B 185 -12.14 -14.58 34.48
CA THR B 185 -13.07 -13.51 34.82
C THR B 185 -12.29 -12.22 35.01
N LEU B 186 -12.86 -11.13 34.51
CA LEU B 186 -12.26 -9.82 34.58
C LEU B 186 -13.03 -8.92 35.56
N GLY C 1 -8.01 -7.93 -55.76
CA GLY C 1 -8.39 -8.48 -54.42
C GLY C 1 -8.74 -7.40 -53.41
N VAL C 2 -8.96 -7.81 -52.16
CA VAL C 2 -9.30 -6.89 -51.07
C VAL C 2 -8.06 -6.21 -50.48
N SER C 3 -7.01 -7.00 -50.25
CA SER C 3 -5.68 -6.55 -49.79
C SER C 3 -5.46 -6.65 -48.28
N ILE C 4 -4.41 -7.39 -47.91
CA ILE C 4 -3.89 -7.42 -46.55
C ILE C 4 -3.49 -6.00 -46.14
N ARG C 5 -3.87 -5.61 -44.92
CA ARG C 5 -3.53 -4.30 -44.39
C ARG C 5 -2.02 -4.06 -44.51
N SER C 6 -1.65 -2.90 -45.05
CA SER C 6 -0.25 -2.51 -45.08
C SER C 6 0.14 -2.09 -43.66
N MET C 7 0.88 -1.00 -43.53
CA MET C 7 1.09 -0.38 -42.23
C MET C 7 1.51 1.06 -42.34
N LYS C 8 1.10 1.83 -41.33
CA LYS C 8 1.22 3.27 -41.39
C LYS C 8 2.49 3.74 -40.69
N ASN C 9 3.01 4.88 -41.14
CA ASN C 9 4.08 5.54 -40.42
C ASN C 9 3.56 6.14 -39.12
N PHE C 10 4.34 5.98 -38.05
CA PHE C 10 3.99 6.44 -36.71
C PHE C 10 3.49 7.88 -36.67
N TYR C 11 4.26 8.80 -37.26
CA TYR C 11 3.93 10.23 -37.17
C TYR C 11 2.70 10.63 -37.96
N ASP C 12 2.44 9.93 -39.06
CA ASP C 12 1.17 10.07 -39.79
C ASP C 12 0.02 9.51 -38.96
N TRP C 13 0.20 8.28 -38.48
CA TRP C 13 -0.81 7.63 -37.67
C TRP C 13 -1.22 8.46 -36.45
N ILE C 14 -0.24 8.97 -35.71
CA ILE C 14 -0.55 9.61 -34.43
C ILE C 14 -1.40 10.87 -34.65
N LYS C 15 -1.16 11.60 -35.73
CA LYS C 15 -1.94 12.82 -36.00
C LYS C 15 -3.42 12.50 -36.25
N GLU C 16 -3.68 11.45 -37.02
N GLU C 16 -3.67 11.44 -37.01
CA GLU C 16 -5.04 11.00 -37.26
CA GLU C 16 -5.02 10.97 -37.27
C GLU C 16 -5.68 10.49 -35.97
C GLU C 16 -5.68 10.47 -35.99
N PHE C 17 -4.93 9.67 -35.23
CA PHE C 17 -5.44 9.09 -33.99
C PHE C 17 -5.84 10.18 -32.99
N VAL C 18 -4.98 11.15 -32.80
CA VAL C 18 -5.26 12.27 -31.92
C VAL C 18 -6.53 13.04 -32.33
N ARG C 19 -6.66 13.34 -33.62
CA ARG C 19 -7.82 14.06 -34.10
C ARG C 19 -9.09 13.27 -33.80
N ASP C 20 -9.09 12.00 -34.17
CA ASP C 20 -10.25 11.12 -33.96
C ASP C 20 -10.58 10.93 -32.47
N GLN C 21 -9.54 10.80 -31.66
CA GLN C 21 -9.72 10.66 -30.21
C GLN C 21 -10.51 11.84 -29.61
N GLY C 22 -10.09 13.06 -29.93
CA GLY C 22 -10.77 14.24 -29.42
C GLY C 22 -12.16 14.40 -29.98
N GLU C 23 -12.33 14.03 -31.25
CA GLU C 23 -13.64 14.19 -31.87
C GLU C 23 -14.65 13.19 -31.33
N PHE C 24 -14.19 12.00 -30.98
CA PHE C 24 -15.10 11.02 -30.38
C PHE C 24 -15.52 11.52 -28.99
N ILE C 25 -14.57 12.03 -28.21
CA ILE C 25 -14.89 12.70 -26.94
C ILE C 25 -15.96 13.77 -27.15
N ALA C 26 -15.79 14.62 -28.15
CA ALA C 26 -16.79 15.66 -28.39
C ALA C 26 -18.16 15.07 -28.71
N GLN C 27 -18.18 14.07 -29.60
N GLN C 27 -18.17 14.04 -29.58
CA GLN C 27 -19.45 13.49 -30.02
CA GLN C 27 -19.41 13.41 -30.05
C GLN C 27 -20.24 13.06 -28.78
C GLN C 27 -20.24 12.83 -28.90
N GLN C 28 -19.55 12.41 -27.85
CA GLN C 28 -20.17 11.75 -26.70
C GLN C 28 -20.30 12.63 -25.46
N SER C 29 -19.87 13.88 -25.59
CA SER C 29 -19.75 14.77 -24.44
C SER C 29 -21.07 15.15 -23.76
N GLY C 30 -22.20 15.00 -24.46
CA GLY C 30 -23.50 15.37 -23.88
C GLY C 30 -24.25 14.21 -23.25
N TRP C 31 -23.55 13.08 -23.06
CA TRP C 31 -24.20 11.86 -22.60
C TRP C 31 -24.99 12.06 -21.30
N LEU C 32 -24.44 12.82 -20.35
CA LEU C 32 -25.08 12.93 -19.03
C LEU C 32 -26.35 13.77 -19.09
N GLU C 33 -26.32 14.81 -19.93
CA GLU C 33 -27.50 15.66 -20.19
C GLU C 33 -28.69 14.83 -20.71
N LEU C 34 -28.39 13.79 -21.48
CA LEU C 34 -29.37 12.89 -22.07
C LEU C 34 -29.91 11.83 -21.09
N GLU C 35 -29.18 11.63 -19.99
CA GLU C 35 -29.57 10.62 -18.99
C GLU C 35 -30.88 11.03 -18.35
N ARG C 36 -31.78 10.08 -18.22
CA ARG C 36 -33.12 10.44 -17.77
C ARG C 36 -33.36 10.40 -16.27
N SER C 37 -32.73 11.40 -15.65
CA SER C 37 -32.92 11.75 -14.25
C SER C 37 -32.40 10.66 -13.34
N SER C 38 -33.00 10.53 -12.16
CA SER C 38 -32.66 9.47 -11.22
C SER C 38 -31.31 9.71 -10.54
N TYR C 39 -30.25 9.95 -11.31
CA TYR C 39 -28.92 10.13 -10.70
C TYR C 39 -28.86 11.35 -9.79
N ALA C 40 -29.64 12.38 -10.11
CA ALA C 40 -29.63 13.59 -9.29
C ALA C 40 -30.15 13.27 -7.89
N LYS C 41 -31.22 12.48 -7.83
CA LYS C 41 -31.81 12.14 -6.53
C LYS C 41 -30.84 11.26 -5.73
N LEU C 42 -30.15 10.36 -6.40
CA LEU C 42 -29.17 9.51 -5.72
C LEU C 42 -28.03 10.36 -5.16
N ILE C 43 -27.54 11.31 -5.94
CA ILE C 43 -26.50 12.26 -5.46
C ILE C 43 -27.03 13.04 -4.25
N ALA C 44 -28.27 13.51 -4.35
CA ALA C 44 -28.88 14.27 -3.26
C ALA C 44 -28.96 13.42 -1.98
N GLN C 45 -29.33 12.14 -2.13
CA GLN C 45 -29.42 11.25 -0.96
C GLN C 45 -28.06 11.06 -0.30
N THR C 46 -27.02 11.00 -1.11
CA THR C 46 -25.68 10.77 -0.62
C THR C 46 -25.21 12.03 0.10
N ILE C 47 -25.53 13.18 -0.47
CA ILE C 47 -25.19 14.47 0.15
C ILE C 47 -25.91 14.60 1.50
N SER C 48 -27.19 14.23 1.57
CA SER C 48 -27.92 14.31 2.82
C SER C 48 -27.30 13.42 3.89
N HIS C 49 -26.81 12.27 3.44
CA HIS C 49 -26.13 11.36 4.34
C HIS C 49 -24.89 12.04 4.95
N VAL C 50 -24.08 12.67 4.11
CA VAL C 50 -22.90 13.39 4.60
C VAL C 50 -23.32 14.53 5.52
N LEU C 51 -24.35 15.26 5.09
CA LEU C 51 -24.84 16.38 5.89
C LEU C 51 -25.28 15.93 7.28
N ASN C 52 -25.88 14.75 7.33
CA ASN C 52 -26.40 14.18 8.58
C ASN C 52 -25.35 13.54 9.48
N GLY C 53 -24.08 13.63 9.09
CA GLY C 53 -23.00 13.05 9.92
C GLY C 53 -22.58 11.65 9.49
N GLY C 54 -23.02 11.24 8.32
CA GLY C 54 -22.71 9.87 7.85
C GLY C 54 -21.29 9.73 7.29
N SER C 55 -20.83 8.48 7.27
CA SER C 55 -19.52 8.13 6.72
C SER C 55 -19.70 7.45 5.37
N LEU C 56 -18.72 7.60 4.50
CA LEU C 56 -18.73 6.94 3.19
C LEU C 56 -17.64 5.86 3.21
N LEU C 57 -18.06 4.61 3.07
CA LEU C 57 -17.12 3.47 3.01
C LEU C 57 -16.96 3.12 1.56
N VAL C 58 -15.80 3.43 0.99
CA VAL C 58 -15.61 3.42 -0.47
C VAL C 58 -14.88 2.13 -0.90
N SER C 59 -15.46 1.42 -1.88
CA SER C 59 -14.83 0.20 -2.42
C SER C 59 -14.86 0.30 -3.95
N ALA C 60 -14.01 -0.48 -4.61
CA ALA C 60 -13.99 -0.47 -6.07
C ALA C 60 -13.48 -1.83 -6.54
N ASP C 61 -13.87 -2.23 -7.76
CA ASP C 61 -13.35 -3.48 -8.33
C ASP C 61 -11.86 -3.37 -8.62
N SER C 62 -11.24 -4.48 -9.01
CA SER C 62 -9.78 -4.48 -9.13
C SER C 62 -9.30 -3.48 -10.18
N SER C 63 -10.05 -3.32 -11.26
CA SER C 63 -9.62 -2.41 -12.31
C SER C 63 -9.73 -0.94 -11.93
N ARG C 64 -10.51 -0.64 -10.89
CA ARG C 64 -10.80 0.75 -10.50
C ARG C 64 -10.15 1.12 -9.19
N HIS C 65 -9.16 0.36 -8.74
CA HIS C 65 -8.43 0.84 -7.56
C HIS C 65 -7.94 2.27 -7.73
N TRP C 66 -7.49 2.64 -8.93
CA TRP C 66 -7.05 4.01 -9.19
C TRP C 66 -8.14 5.02 -8.86
N PHE C 67 -9.38 4.65 -9.14
CA PHE C 67 -10.50 5.56 -8.95
C PHE C 67 -10.89 5.67 -7.47
N LEU C 68 -10.79 4.54 -6.74
CA LEU C 68 -10.86 4.56 -5.28
C LEU C 68 -9.85 5.57 -4.72
N ASN C 69 -8.60 5.48 -5.16
CA ASN C 69 -7.54 6.41 -4.75
C ASN C 69 -7.95 7.85 -5.04
N TYR C 70 -8.45 8.06 -6.24
CA TYR C 70 -8.88 9.39 -6.69
C TYR C 70 -9.97 9.97 -5.81
N ILE C 71 -10.99 9.17 -5.50
CA ILE C 71 -12.07 9.62 -4.63
C ILE C 71 -11.50 10.05 -3.26
N LEU C 72 -10.65 9.23 -2.68
CA LEU C 72 -10.14 9.51 -1.34
C LEU C 72 -9.31 10.81 -1.37
N SER C 73 -8.44 10.94 -2.36
CA SER C 73 -7.50 12.05 -2.40
C SER C 73 -8.18 13.35 -2.81
N ASN C 74 -9.22 13.26 -3.63
CA ASN C 74 -9.98 14.45 -3.97
C ASN C 74 -10.91 14.93 -2.86
N LEU C 75 -11.56 14.00 -2.18
CA LEU C 75 -12.52 14.40 -1.13
C LEU C 75 -11.79 14.98 0.08
N ASN C 76 -10.63 14.41 0.39
CA ASN C 76 -9.79 14.92 1.48
C ASN C 76 -8.39 15.17 0.95
N PRO C 77 -8.21 16.33 0.27
CA PRO C 77 -6.90 16.66 -0.31
C PRO C 77 -5.81 16.92 0.74
N LYS C 78 -4.56 16.87 0.31
CA LYS C 78 -3.40 17.09 1.21
C LYS C 78 -3.54 18.39 1.99
N ASP C 79 -3.91 19.44 1.28
CA ASP C 79 -4.16 20.73 1.89
C ASP C 79 -5.67 20.97 1.89
N LEU C 80 -6.29 20.76 3.05
CA LEU C 80 -7.71 20.98 3.23
C LEU C 80 -8.12 22.44 3.04
N LYS C 81 -7.17 23.35 3.24
CA LYS C 81 -7.48 24.77 3.23
C LYS C 81 -8.65 25.05 4.18
N GLU C 82 -9.78 25.53 3.67
CA GLU C 82 -10.92 25.83 4.53
C GLU C 82 -11.94 24.70 4.58
N ARG C 83 -11.68 23.61 3.87
CA ARG C 83 -12.63 22.51 3.73
C ARG C 83 -12.79 21.73 5.04
N PRO C 84 -13.96 21.11 5.24
CA PRO C 84 -14.15 20.18 6.36
C PRO C 84 -13.32 18.91 6.10
N LEU C 85 -13.05 18.14 7.15
CA LEU C 85 -12.43 16.83 6.97
C LEU C 85 -13.57 15.85 6.84
N LEU C 86 -13.79 15.35 5.61
CA LEU C 86 -14.97 14.54 5.34
C LEU C 86 -14.79 13.11 5.82
N SER C 87 -15.88 12.50 6.29
CA SER C 87 -15.80 11.14 6.85
C SER C 87 -15.82 10.13 5.71
N VAL C 88 -14.63 9.78 5.24
CA VAL C 88 -14.44 8.90 4.05
C VAL C 88 -13.41 7.81 4.39
N ILE C 89 -13.77 6.56 4.09
CA ILE C 89 -12.99 5.40 4.50
C ILE C 89 -12.68 4.54 3.28
N ASP C 90 -11.43 4.08 3.18
CA ASP C 90 -11.07 3.10 2.16
C ASP C 90 -11.56 1.74 2.64
N PHE C 91 -12.71 1.32 2.11
CA PHE C 91 -13.28 0.04 2.51
C PHE C 91 -12.51 -1.15 1.91
N ASN C 92 -12.00 -1.03 0.69
CA ASN C 92 -11.15 -2.08 0.10
C ASN C 92 -10.04 -2.51 1.07
N ALA C 93 -9.44 -1.53 1.75
CA ALA C 93 -8.25 -1.79 2.61
C ALA C 93 -8.62 -2.21 4.04
N SER C 94 -9.91 -2.15 4.34
CA SER C 94 -10.43 -2.39 5.68
C SER C 94 -10.25 -3.85 6.10
N SER C 95 -10.01 -4.09 7.38
CA SER C 95 -10.08 -5.45 7.89
C SER C 95 -11.49 -6.07 7.78
N PHE C 96 -12.50 -5.24 7.50
CA PHE C 96 -13.88 -5.72 7.46
C PHE C 96 -14.32 -6.05 6.06
N TYR C 97 -13.45 -5.86 5.08
CA TYR C 97 -13.80 -6.18 3.71
C TYR C 97 -14.12 -7.67 3.65
N PRO C 98 -15.31 -8.02 3.13
CA PRO C 98 -15.72 -9.42 3.21
C PRO C 98 -14.93 -10.36 2.30
N LYS C 99 -14.65 -11.57 2.81
CA LYS C 99 -14.14 -12.68 2.00
C LYS C 99 -15.40 -13.46 1.62
N ASN C 100 -15.79 -14.42 2.45
CA ASN C 100 -17.23 -14.50 2.80
C ASN C 100 -17.65 -15.08 4.15
N ASP C 101 -18.84 -14.61 4.53
CA ASP C 101 -19.42 -14.51 5.86
C ASP C 101 -19.61 -13.00 5.95
N ALA C 102 -20.32 -12.48 4.94
CA ALA C 102 -20.70 -11.08 4.89
C ALA C 102 -21.45 -10.68 6.16
N ASN C 103 -22.08 -11.66 6.78
CA ASN C 103 -22.82 -11.44 8.01
C ASN C 103 -21.91 -10.98 9.15
N LEU C 104 -20.75 -11.66 9.27
CA LEU C 104 -19.68 -11.21 10.20
C LEU C 104 -19.16 -9.82 9.87
N SER C 105 -18.77 -9.58 8.61
CA SER C 105 -18.38 -8.23 8.19
C SER C 105 -19.46 -7.20 8.52
N LEU C 106 -20.71 -7.48 8.13
CA LEU C 106 -21.76 -6.49 8.35
C LEU C 106 -21.94 -6.12 9.82
N ALA C 107 -21.93 -7.14 10.68
CA ALA C 107 -22.17 -6.90 12.10
C ALA C 107 -21.05 -6.04 12.67
N THR C 108 -19.81 -6.33 12.25
CA THR C 108 -18.66 -5.56 12.73
C THR C 108 -18.73 -4.13 12.20
N ILE C 109 -19.07 -3.98 10.93
CA ILE C 109 -19.22 -2.65 10.36
C ILE C 109 -20.29 -1.83 11.10
N GLU C 110 -21.44 -2.45 11.37
CA GLU C 110 -22.55 -1.73 11.99
C GLU C 110 -22.24 -1.29 13.42
N MET C 111 -21.41 -2.05 14.11
CA MET C 111 -21.05 -1.68 15.49
C MET C 111 -19.90 -0.70 15.53
N THR C 112 -19.08 -0.68 14.47
CA THR C 112 -17.89 0.14 14.41
C THR C 112 -18.22 1.58 14.05
N TYR C 113 -19.05 1.74 13.02
CA TYR C 113 -19.37 3.04 12.47
C TYR C 113 -20.72 3.54 12.96
N GLN C 114 -20.82 4.84 13.25
CA GLN C 114 -22.08 5.41 13.70
C GLN C 114 -23.14 5.34 12.58
N ASN C 115 -22.75 5.65 11.34
CA ASN C 115 -23.74 5.83 10.28
C ASN C 115 -23.08 5.62 8.91
N PRO C 116 -22.74 4.36 8.60
CA PRO C 116 -22.02 4.11 7.35
C PRO C 116 -22.93 4.06 6.13
N MET C 117 -22.38 4.47 4.98
CA MET C 117 -23.00 4.24 3.66
C MET C 117 -21.92 3.63 2.76
N PHE C 118 -22.28 2.59 2.00
CA PHE C 118 -21.33 1.97 1.09
C PHE C 118 -21.36 2.62 -0.27
N TRP C 119 -20.21 3.12 -0.70
CA TRP C 119 -20.06 3.66 -2.04
C TRP C 119 -19.16 2.71 -2.79
N HIS C 120 -19.74 1.94 -3.71
CA HIS C 120 -18.97 0.94 -4.44
C HIS C 120 -18.95 1.31 -5.91
N VAL C 121 -17.80 1.11 -6.54
CA VAL C 121 -17.65 1.40 -7.99
C VAL C 121 -17.19 0.17 -8.74
N GLY C 122 -18.02 -0.28 -9.69
CA GLY C 122 -17.64 -1.34 -10.64
C GLY C 122 -18.17 -2.74 -10.32
N LYS C 123 -17.46 -3.75 -10.81
CA LYS C 123 -17.84 -5.15 -10.58
C LYS C 123 -17.87 -5.48 -9.10
N ILE C 124 -18.75 -6.39 -8.73
CA ILE C 124 -18.81 -6.90 -7.38
C ILE C 124 -18.17 -8.27 -7.47
N GLU C 125 -16.93 -8.34 -7.00
CA GLU C 125 -16.06 -9.49 -7.33
C GLU C 125 -16.11 -10.66 -6.34
N ASN C 126 -16.96 -10.55 -5.31
CA ASN C 126 -17.26 -11.72 -4.48
C ASN C 126 -18.63 -11.65 -3.83
N GLU C 127 -19.13 -12.82 -3.44
CA GLU C 127 -20.47 -12.94 -2.90
C GLU C 127 -20.68 -12.19 -1.59
N GLY C 128 -19.64 -12.16 -0.76
CA GLY C 128 -19.67 -11.46 0.52
C GLY C 128 -19.97 -9.98 0.33
N LEU C 129 -19.22 -9.34 -0.56
CA LEU C 129 -19.46 -7.94 -0.91
C LEU C 129 -20.87 -7.77 -1.46
N LYS C 130 -21.28 -8.66 -2.37
CA LYS C 130 -22.63 -8.56 -2.93
C LYS C 130 -23.70 -8.60 -1.83
N THR C 131 -23.53 -9.50 -0.87
CA THR C 131 -24.48 -9.62 0.22
C THR C 131 -24.60 -8.31 0.99
N ILE C 132 -23.46 -7.71 1.33
CA ILE C 132 -23.47 -6.45 2.06
C ILE C 132 -24.07 -5.31 1.25
N LEU C 133 -23.70 -5.19 -0.02
CA LEU C 133 -24.22 -4.13 -0.85
C LEU C 133 -25.74 -4.23 -1.03
N LEU C 134 -26.26 -5.45 -0.87
CA LEU C 134 -27.70 -5.75 -0.80
C LEU C 134 -28.34 -5.49 0.57
N SER C 135 -27.53 -5.20 1.57
CA SER C 135 -28.01 -5.07 2.94
C SER C 135 -28.85 -3.81 3.11
N LYS C 136 -29.34 -3.59 4.33
CA LYS C 136 -30.17 -2.43 4.68
C LYS C 136 -29.33 -1.14 4.76
N ILE C 137 -28.01 -1.29 4.82
CA ILE C 137 -27.13 -0.14 4.92
C ILE C 137 -27.34 0.72 3.68
N PRO C 138 -27.45 2.04 3.89
CA PRO C 138 -27.49 3.03 2.84
C PRO C 138 -26.34 2.76 1.85
N SER C 139 -26.55 3.06 0.58
CA SER C 139 -25.49 2.80 -0.40
C SER C 139 -25.54 3.85 -1.53
N PHE C 140 -24.41 3.99 -2.23
CA PHE C 140 -24.24 4.86 -3.40
C PHE C 140 -23.52 3.93 -4.35
N LEU C 141 -24.29 3.23 -5.20
CA LEU C 141 -23.68 2.13 -5.98
C LEU C 141 -23.51 2.57 -7.42
N TRP C 142 -22.29 2.45 -7.95
CA TRP C 142 -22.04 2.78 -9.35
C TRP C 142 -21.68 1.43 -9.98
N LEU C 143 -22.65 0.80 -10.65
CA LEU C 143 -22.51 -0.61 -11.02
C LEU C 143 -22.64 -0.80 -12.53
N PHE C 144 -22.20 -1.97 -13.00
CA PHE C 144 -22.38 -2.36 -14.40
C PHE C 144 -23.69 -3.14 -14.69
N GLU C 145 -24.35 -3.59 -13.63
CA GLU C 145 -25.67 -4.23 -13.72
C GLU C 145 -26.57 -3.63 -12.67
N GLU C 146 -27.85 -3.57 -12.98
CA GLU C 146 -28.79 -2.87 -12.12
C GLU C 146 -29.19 -3.80 -11.00
N LEU C 147 -28.29 -3.95 -10.03
CA LEU C 147 -28.56 -4.87 -8.91
C LEU C 147 -29.52 -4.31 -7.85
N LYS C 148 -29.72 -3.00 -7.88
CA LYS C 148 -30.77 -2.28 -7.13
C LYS C 148 -31.38 -1.30 -8.13
N GLU C 149 -32.65 -0.90 -7.94
CA GLU C 149 -33.23 0.07 -8.86
C GLU C 149 -32.50 1.41 -8.78
N ASP C 150 -32.17 1.79 -7.54
CA ASP C 150 -31.48 3.06 -7.27
C ASP C 150 -29.98 2.84 -7.27
N CYS C 151 -29.41 2.95 -8.44
CA CYS C 151 -27.97 2.89 -8.56
C CYS C 151 -27.63 3.71 -9.78
N LEU C 152 -26.39 4.14 -9.85
CA LEU C 152 -25.87 4.75 -11.06
C LEU C 152 -25.37 3.62 -11.95
N LEU C 153 -25.87 3.56 -13.18
CA LEU C 153 -25.50 2.46 -14.08
C LEU C 153 -24.46 2.91 -15.05
N LEU C 154 -23.28 2.28 -14.98
CA LEU C 154 -22.14 2.57 -15.84
C LEU C 154 -22.18 1.60 -17.00
N LYS C 155 -21.63 2.00 -18.14
CA LYS C 155 -21.61 1.06 -19.27
C LYS C 155 -20.23 0.42 -19.30
N GLU C 156 -20.22 -0.89 -19.04
CA GLU C 156 -19.00 -1.62 -18.74
C GLU C 156 -17.92 -1.56 -19.83
N HIS C 157 -18.31 -1.77 -21.07
CA HIS C 157 -17.26 -1.84 -22.09
C HIS C 157 -17.18 -0.56 -22.95
N ASP C 158 -17.59 0.54 -22.31
CA ASP C 158 -17.59 1.86 -22.92
C ASP C 158 -16.14 2.32 -22.96
N SER C 159 -15.63 2.64 -24.15
CA SER C 159 -14.22 3.06 -24.25
C SER C 159 -13.98 4.37 -23.50
N LEU C 160 -15.06 5.10 -23.22
CA LEU C 160 -14.94 6.39 -22.50
C LEU C 160 -15.21 6.28 -21.00
N LEU C 161 -15.37 5.05 -20.49
CA LEU C 161 -15.75 4.81 -19.09
C LEU C 161 -14.89 5.63 -18.12
N ASP C 162 -13.56 5.60 -18.33
CA ASP C 162 -12.63 6.23 -17.37
C ASP C 162 -12.92 7.74 -17.25
N TYR C 163 -13.17 8.40 -18.38
CA TYR C 163 -13.54 9.81 -18.32
C TYR C 163 -14.86 10.04 -17.64
N LYS C 164 -15.81 9.13 -17.89
CA LYS C 164 -17.15 9.29 -17.29
C LYS C 164 -17.05 9.15 -15.77
N LEU C 165 -16.14 8.29 -15.31
CA LEU C 165 -15.94 8.18 -13.84
C LEU C 165 -15.47 9.53 -13.26
N LEU C 166 -14.48 10.14 -13.91
CA LEU C 166 -13.99 11.46 -13.48
C LEU C 166 -15.12 12.46 -13.51
N GLN C 167 -15.91 12.43 -14.58
CA GLN C 167 -16.97 13.40 -14.77
C GLN C 167 -18.04 13.26 -13.68
N LEU C 168 -18.44 12.03 -13.40
CA LEU C 168 -19.43 11.77 -12.33
C LEU C 168 -18.88 12.20 -10.96
N PHE C 169 -17.59 11.93 -10.72
CA PHE C 169 -17.02 12.37 -9.46
C PHE C 169 -17.05 13.89 -9.35
N LYS C 170 -16.66 14.56 -10.42
CA LYS C 170 -16.56 16.02 -10.41
C LYS C 170 -17.95 16.64 -10.21
N LEU C 171 -18.97 16.03 -10.83
CA LEU C 171 -20.38 16.38 -10.56
C LEU C 171 -20.71 16.18 -9.07
N PHE C 172 -20.35 15.02 -8.54
CA PHE C 172 -20.65 14.74 -7.13
C PHE C 172 -20.00 15.76 -6.19
N GLU C 173 -18.72 16.05 -6.38
CA GLU C 173 -18.03 16.90 -5.40
C GLU C 173 -18.59 18.32 -5.49
N ASN C 174 -18.92 18.74 -6.72
CA ASN C 174 -19.47 20.10 -6.88
C ASN C 174 -20.86 20.18 -6.27
N ALA C 175 -21.65 19.12 -6.43
CA ALA C 175 -22.97 19.07 -5.85
C ALA C 175 -22.85 19.08 -4.32
N LEU C 176 -21.95 18.27 -3.81
CA LEU C 176 -21.74 18.18 -2.35
C LEU C 176 -21.41 19.56 -1.77
N PHE C 177 -20.40 20.23 -2.31
CA PHE C 177 -19.98 21.52 -1.75
C PHE C 177 -20.94 22.66 -2.04
N SER C 178 -21.66 22.59 -3.16
CA SER C 178 -22.74 23.54 -3.39
C SER C 178 -23.75 23.46 -2.26
N VAL C 179 -24.11 22.26 -1.82
CA VAL C 179 -25.04 22.23 -0.69
C VAL C 179 -24.36 22.55 0.63
N LEU C 180 -23.17 22.00 0.88
CA LEU C 180 -22.48 22.29 2.17
C LEU C 180 -22.28 23.77 2.40
N TYR C 181 -22.02 24.51 1.33
CA TYR C 181 -21.68 25.94 1.41
C TYR C 181 -22.92 26.83 1.21
N ASN C 182 -24.11 26.23 1.32
CA ASN C 182 -25.39 26.94 1.22
C ASN C 182 -25.55 27.71 -0.12
N LYS C 183 -24.98 27.17 -1.20
CA LYS C 183 -25.19 27.79 -2.53
C LYS C 183 -26.49 27.32 -3.14
N VAL C 184 -26.90 26.10 -2.77
CA VAL C 184 -28.14 25.52 -3.27
C VAL C 184 -28.86 24.81 -2.14
N THR C 185 -30.18 24.69 -2.29
CA THR C 185 -30.98 24.02 -1.29
C THR C 185 -31.49 22.70 -1.86
N LEU C 186 -31.51 21.64 -1.04
CA LEU C 186 -32.25 20.44 -1.40
C LEU C 186 -33.37 20.15 -0.42
N LYS D 8 -30.48 28.77 -5.16
CA LYS D 8 -31.01 27.93 -6.28
C LYS D 8 -31.42 26.56 -5.77
N ASN D 9 -32.49 26.01 -6.35
CA ASN D 9 -32.89 24.66 -6.04
C ASN D 9 -31.87 23.68 -6.60
N PHE D 10 -31.51 22.70 -5.77
CA PHE D 10 -30.58 21.61 -6.17
C PHE D 10 -30.84 21.03 -7.56
N TYR D 11 -32.09 20.65 -7.84
CA TYR D 11 -32.43 19.98 -9.09
C TYR D 11 -32.39 20.88 -10.32
N ASP D 12 -32.72 22.15 -10.13
CA ASP D 12 -32.51 23.12 -11.19
C ASP D 12 -31.02 23.29 -11.43
N TRP D 13 -30.29 23.49 -10.33
CA TRP D 13 -28.85 23.77 -10.42
C TRP D 13 -28.12 22.63 -11.15
N ILE D 14 -28.44 21.40 -10.78
CA ILE D 14 -27.68 20.27 -11.28
C ILE D 14 -27.87 20.08 -12.78
N LYS D 15 -29.09 20.36 -13.27
CA LYS D 15 -29.36 20.30 -14.71
C LYS D 15 -28.46 21.26 -15.47
N GLU D 16 -28.32 22.47 -14.93
CA GLU D 16 -27.49 23.50 -15.55
C GLU D 16 -26.03 23.10 -15.49
N PHE D 17 -25.63 22.61 -14.31
CA PHE D 17 -24.25 22.23 -14.12
C PHE D 17 -23.86 21.14 -15.12
N VAL D 18 -24.70 20.12 -15.24
CA VAL D 18 -24.41 19.00 -16.15
C VAL D 18 -24.30 19.45 -17.62
N ARG D 19 -25.23 20.33 -18.02
CA ARG D 19 -25.22 20.80 -19.41
C ARG D 19 -23.90 21.53 -19.68
N ASP D 20 -23.52 22.41 -18.76
CA ASP D 20 -22.34 23.23 -18.90
C ASP D 20 -21.07 22.34 -18.86
N GLN D 21 -21.08 21.33 -18.00
CA GLN D 21 -19.92 20.46 -17.84
C GLN D 21 -19.58 19.76 -19.15
N GLY D 22 -20.61 19.20 -19.80
CA GLY D 22 -20.45 18.49 -21.05
C GLY D 22 -20.06 19.44 -22.19
N GLU D 23 -20.60 20.66 -22.16
CA GLU D 23 -20.30 21.63 -23.22
C GLU D 23 -18.84 22.06 -23.16
N PHE D 24 -18.30 22.19 -21.96
CA PHE D 24 -16.91 22.60 -21.82
C PHE D 24 -15.98 21.47 -22.23
N ILE D 25 -16.30 20.23 -21.83
CA ILE D 25 -15.56 19.07 -22.33
C ILE D 25 -15.50 19.06 -23.85
N ALA D 26 -16.66 19.26 -24.48
CA ALA D 26 -16.76 19.27 -25.93
C ALA D 26 -15.87 20.38 -26.47
N GLN D 27 -16.03 21.58 -25.91
CA GLN D 27 -15.28 22.74 -26.39
C GLN D 27 -13.77 22.50 -26.44
N GLN D 28 -13.24 21.88 -25.39
CA GLN D 28 -11.80 21.71 -25.20
C GLN D 28 -11.29 20.38 -25.72
N SER D 29 -12.21 19.62 -26.32
CA SER D 29 -11.93 18.26 -26.71
C SER D 29 -10.87 18.14 -27.83
N GLY D 30 -10.62 19.23 -28.57
CA GLY D 30 -9.62 19.22 -29.65
C GLY D 30 -8.25 19.73 -29.23
N TRP D 31 -8.04 19.88 -27.92
CA TRP D 31 -6.83 20.50 -27.39
C TRP D 31 -5.56 19.80 -27.89
N LEU D 32 -5.61 18.48 -28.03
CA LEU D 32 -4.39 17.73 -28.39
C LEU D 32 -3.93 17.98 -29.83
N GLU D 33 -4.87 18.38 -30.69
CA GLU D 33 -4.55 18.75 -32.08
C GLU D 33 -3.73 20.03 -32.09
N LEU D 34 -3.89 20.84 -31.05
CA LEU D 34 -3.17 22.13 -30.95
C LEU D 34 -1.94 22.04 -30.04
N GLU D 35 -1.70 20.88 -29.44
CA GLU D 35 -0.63 20.76 -28.45
C GLU D 35 0.71 20.78 -29.14
N ARG D 36 1.59 21.69 -28.71
CA ARG D 36 2.85 21.91 -29.43
C ARG D 36 4.07 21.29 -28.78
N SER D 37 3.98 20.84 -27.53
CA SER D 37 5.10 20.09 -26.94
C SER D 37 5.30 18.79 -27.73
N SER D 38 6.48 18.20 -27.61
CA SER D 38 6.88 17.14 -28.52
C SER D 38 6.39 15.77 -28.06
N TYR D 39 5.09 15.68 -27.82
CA TYR D 39 4.52 14.46 -27.28
C TYR D 39 4.69 13.25 -28.22
N ALA D 40 4.60 13.44 -29.55
CA ALA D 40 4.77 12.33 -30.50
C ALA D 40 6.18 11.75 -30.41
N LYS D 41 7.17 12.62 -30.45
CA LYS D 41 8.58 12.20 -30.39
C LYS D 41 8.88 11.52 -29.05
N LEU D 42 8.34 12.08 -27.97
CA LEU D 42 8.56 11.50 -26.63
C LEU D 42 7.91 10.14 -26.50
N ILE D 43 6.70 10.01 -27.03
CA ILE D 43 6.03 8.72 -27.05
C ILE D 43 6.86 7.71 -27.85
N ALA D 44 7.36 8.14 -29.02
CA ALA D 44 8.14 7.25 -29.87
C ALA D 44 9.39 6.77 -29.15
N GLN D 45 10.07 7.69 -28.49
CA GLN D 45 11.30 7.38 -27.79
C GLN D 45 11.03 6.44 -26.63
N THR D 46 9.88 6.60 -25.99
CA THR D 46 9.51 5.73 -24.88
C THR D 46 9.18 4.32 -25.36
N ILE D 47 8.46 4.23 -26.48
CA ILE D 47 8.15 2.95 -27.09
C ILE D 47 9.47 2.23 -27.48
N SER D 48 10.40 2.96 -28.09
CA SER D 48 11.68 2.37 -28.49
C SER D 48 12.41 1.79 -27.29
N HIS D 49 12.38 2.53 -26.18
CA HIS D 49 12.98 2.08 -24.93
C HIS D 49 12.36 0.78 -24.47
N VAL D 50 11.03 0.71 -24.48
CA VAL D 50 10.31 -0.52 -24.15
C VAL D 50 10.73 -1.67 -25.07
N LEU D 51 10.77 -1.42 -26.38
CA LEU D 51 11.14 -2.48 -27.35
C LEU D 51 12.55 -3.01 -27.13
N ASN D 52 13.43 -2.13 -26.65
CA ASN D 52 14.83 -2.44 -26.38
C ASN D 52 15.03 -3.21 -25.06
N GLY D 53 13.93 -3.50 -24.37
CA GLY D 53 13.97 -4.27 -23.12
C GLY D 53 14.16 -3.37 -21.91
N GLY D 54 13.90 -2.07 -22.10
CA GLY D 54 14.04 -1.08 -21.05
C GLY D 54 12.94 -1.15 -20.00
N SER D 55 13.26 -0.70 -18.79
CA SER D 55 12.26 -0.58 -17.72
C SER D 55 11.75 0.86 -17.59
N LEU D 56 10.50 0.99 -17.13
CA LEU D 56 9.91 2.31 -16.84
C LEU D 56 9.77 2.44 -15.33
N LEU D 57 10.44 3.43 -14.75
CA LEU D 57 10.32 3.70 -13.32
C LEU D 57 9.39 4.90 -13.18
N VAL D 58 8.17 4.64 -12.71
CA VAL D 58 7.10 5.63 -12.78
C VAL D 58 6.90 6.32 -11.44
N SER D 59 6.86 7.65 -11.49
CA SER D 59 6.62 8.44 -10.30
C SER D 59 5.59 9.52 -10.59
N ALA D 60 5.03 10.08 -9.53
CA ALA D 60 4.04 11.16 -9.68
C ALA D 60 4.03 12.01 -8.44
N ASP D 61 3.61 13.27 -8.60
CA ASP D 61 3.40 14.15 -7.44
C ASP D 61 2.27 13.65 -6.52
N SER D 62 2.17 14.25 -5.32
CA SER D 62 1.23 13.78 -4.33
C SER D 62 -0.21 13.75 -4.88
N SER D 63 -0.60 14.81 -5.59
CA SER D 63 -1.98 14.85 -6.09
C SER D 63 -2.25 13.82 -7.19
N ARG D 64 -1.18 13.30 -7.80
CA ARG D 64 -1.32 12.34 -8.92
C ARG D 64 -1.04 10.87 -8.59
N HIS D 65 -1.02 10.52 -7.30
N HIS D 65 -1.02 10.52 -7.30
CA HIS D 65 -0.85 9.12 -6.94
CA HIS D 65 -0.87 9.11 -6.90
C HIS D 65 -1.91 8.24 -7.62
C HIS D 65 -1.92 8.23 -7.59
N TRP D 66 -3.15 8.74 -7.73
CA TRP D 66 -4.20 7.98 -8.43
C TRP D 66 -3.77 7.66 -9.87
N PHE D 67 -3.08 8.59 -10.52
CA PHE D 67 -2.68 8.40 -11.91
C PHE D 67 -1.48 7.46 -12.03
N LEU D 68 -0.56 7.53 -11.09
CA LEU D 68 0.49 6.49 -10.94
C LEU D 68 -0.17 5.09 -10.90
N ASN D 69 -1.14 4.92 -10.01
CA ASN D 69 -1.90 3.69 -9.90
C ASN D 69 -2.53 3.30 -11.25
N TYR D 70 -3.15 4.27 -11.90
CA TYR D 70 -3.76 4.03 -13.22
C TYR D 70 -2.74 3.52 -14.24
N ILE D 71 -1.56 4.11 -14.28
CA ILE D 71 -0.53 3.68 -15.23
C ILE D 71 -0.15 2.23 -15.00
N LEU D 72 0.14 1.89 -13.75
CA LEU D 72 0.59 0.55 -13.40
C LEU D 72 -0.47 -0.47 -13.72
N SER D 73 -1.73 -0.18 -13.38
CA SER D 73 -2.80 -1.17 -13.53
C SER D 73 -3.21 -1.31 -14.97
N ASN D 74 -3.11 -0.23 -15.73
CA ASN D 74 -3.43 -0.34 -17.16
C ASN D 74 -2.33 -1.02 -17.97
N LEU D 75 -1.08 -0.69 -17.68
CA LEU D 75 0.05 -1.29 -18.40
C LEU D 75 0.17 -2.79 -18.15
N ASN D 76 -0.07 -3.20 -16.91
CA ASN D 76 -0.09 -4.62 -16.53
C ASN D 76 -1.37 -5.00 -15.81
N PRO D 77 -2.46 -5.18 -16.58
CA PRO D 77 -3.76 -5.49 -16.00
C PRO D 77 -3.74 -6.86 -15.31
N LYS D 78 -4.73 -7.08 -14.44
CA LYS D 78 -4.79 -8.29 -13.62
C LYS D 78 -4.77 -9.53 -14.49
N ASP D 79 -5.52 -9.47 -15.59
CA ASP D 79 -5.53 -10.51 -16.62
C ASP D 79 -4.83 -9.97 -17.87
N LEU D 80 -3.63 -10.49 -18.12
CA LEU D 80 -2.83 -10.06 -19.26
C LEU D 80 -3.36 -10.56 -20.60
N LYS D 81 -4.16 -11.61 -20.57
CA LYS D 81 -4.57 -12.33 -21.79
C LYS D 81 -3.31 -12.55 -22.66
N GLU D 82 -3.30 -11.94 -23.85
CA GLU D 82 -2.23 -12.11 -24.83
C GLU D 82 -1.07 -11.13 -24.69
N ARG D 83 -1.20 -10.17 -23.78
CA ARG D 83 -0.21 -9.10 -23.60
C ARG D 83 1.12 -9.56 -23.01
N PRO D 84 2.22 -8.87 -23.37
CA PRO D 84 3.47 -9.12 -22.66
C PRO D 84 3.38 -8.60 -21.25
N LEU D 85 4.23 -9.09 -20.36
CA LEU D 85 4.40 -8.50 -19.06
C LEU D 85 5.38 -7.37 -19.22
N LEU D 86 4.92 -6.15 -19.06
CA LEU D 86 5.78 -4.99 -19.30
C LEU D 86 6.59 -4.62 -18.08
N SER D 87 7.83 -4.18 -18.33
CA SER D 87 8.76 -3.83 -17.27
C SER D 87 8.44 -2.44 -16.71
N VAL D 88 7.53 -2.40 -15.75
CA VAL D 88 7.06 -1.16 -15.15
C VAL D 88 7.19 -1.28 -13.64
N ILE D 89 7.72 -0.22 -13.04
CA ILE D 89 8.04 -0.20 -11.62
C ILE D 89 7.42 1.04 -10.98
N ASP D 90 6.80 0.87 -9.80
CA ASP D 90 6.33 1.98 -9.00
C ASP D 90 7.52 2.63 -8.30
N PHE D 91 8.00 3.74 -8.85
CA PHE D 91 9.19 4.38 -8.31
C PHE D 91 8.89 5.11 -7.00
N ASN D 92 7.71 5.72 -6.91
CA ASN D 92 7.29 6.39 -5.68
C ASN D 92 7.43 5.43 -4.48
N ALA D 93 7.14 4.16 -4.70
CA ALA D 93 7.06 3.17 -3.61
C ALA D 93 8.42 2.51 -3.35
N SER D 94 9.39 2.82 -4.20
CA SER D 94 10.71 2.19 -4.20
C SER D 94 11.54 2.64 -2.99
N SER D 95 12.40 1.77 -2.47
CA SER D 95 13.33 2.16 -1.45
C SER D 95 14.33 3.19 -1.99
N PHE D 96 14.40 3.32 -3.32
CA PHE D 96 15.39 4.20 -3.96
C PHE D 96 14.85 5.57 -4.26
N TYR D 97 13.57 5.78 -4.00
CA TYR D 97 13.01 7.11 -4.20
C TYR D 97 13.82 8.10 -3.35
N PRO D 98 14.30 9.20 -3.97
CA PRO D 98 15.15 10.13 -3.23
C PRO D 98 14.36 11.01 -2.27
N LYS D 99 14.80 11.03 -1.02
CA LYS D 99 14.16 11.87 -0.01
C LYS D 99 15.20 12.77 0.65
N ASN D 103 23.91 11.88 -3.47
CA ASN D 103 22.84 11.12 -4.11
C ASN D 103 23.19 9.65 -4.29
N LEU D 104 22.81 8.89 -3.29
CA LEU D 104 22.98 7.46 -3.30
C LEU D 104 21.94 6.83 -4.20
N SER D 105 20.78 7.47 -4.32
CA SER D 105 19.68 6.89 -5.10
C SER D 105 20.11 6.59 -6.53
N LEU D 106 20.74 7.55 -7.20
CA LEU D 106 21.07 7.36 -8.60
C LEU D 106 22.03 6.19 -8.83
N ALA D 107 23.08 6.10 -7.99
CA ALA D 107 24.05 5.03 -8.12
C ALA D 107 23.39 3.66 -7.87
N THR D 108 22.52 3.60 -6.87
CA THR D 108 21.83 2.34 -6.58
C THR D 108 20.90 1.96 -7.75
N ILE D 109 20.19 2.94 -8.29
CA ILE D 109 19.32 2.69 -9.44
C ILE D 109 20.11 2.14 -10.64
N GLU D 110 21.21 2.82 -10.96
CA GLU D 110 22.03 2.43 -12.10
C GLU D 110 22.61 1.04 -11.90
N MET D 111 22.95 0.71 -10.65
CA MET D 111 23.50 -0.59 -10.32
C MET D 111 22.44 -1.69 -10.38
N THR D 112 21.22 -1.39 -9.97
CA THR D 112 20.25 -2.50 -9.89
C THR D 112 19.46 -2.78 -11.17
N TYR D 113 19.18 -1.75 -11.96
CA TYR D 113 18.43 -1.91 -13.20
C TYR D 113 19.31 -1.90 -14.43
N GLN D 114 18.98 -2.77 -15.38
CA GLN D 114 19.78 -2.88 -16.61
C GLN D 114 19.65 -1.63 -17.47
N ASN D 115 18.43 -1.11 -17.57
CA ASN D 115 18.15 -0.04 -18.55
C ASN D 115 16.89 0.75 -18.15
N PRO D 116 16.98 1.56 -17.09
CA PRO D 116 15.79 2.26 -16.60
C PRO D 116 15.51 3.53 -17.38
N MET D 117 14.25 3.95 -17.40
CA MET D 117 13.86 5.28 -17.89
C MET D 117 12.86 5.79 -16.87
N PHE D 118 13.02 7.05 -16.44
CA PHE D 118 12.11 7.66 -15.47
C PHE D 118 10.91 8.23 -16.19
N TRP D 119 9.72 7.86 -15.74
CA TRP D 119 8.50 8.48 -16.26
C TRP D 119 7.89 9.18 -15.09
N HIS D 120 7.91 10.51 -15.12
CA HIS D 120 7.39 11.28 -13.99
C HIS D 120 6.20 12.12 -14.42
N VAL D 121 5.16 12.18 -13.59
CA VAL D 121 4.00 13.04 -13.86
C VAL D 121 3.79 14.07 -12.77
N GLY D 122 3.84 15.35 -13.13
CA GLY D 122 3.38 16.41 -12.26
C GLY D 122 4.53 17.20 -11.65
N LYS D 123 4.25 17.78 -10.50
CA LYS D 123 5.23 18.59 -9.76
C LYS D 123 6.42 17.75 -9.34
N ILE D 124 7.58 18.40 -9.27
CA ILE D 124 8.79 17.77 -8.74
C ILE D 124 8.96 18.33 -7.33
N GLU D 125 8.57 17.52 -6.35
CA GLU D 125 8.30 18.03 -5.00
C GLU D 125 9.52 18.01 -4.09
N ASN D 126 10.64 17.46 -4.54
CA ASN D 126 11.87 17.67 -3.79
C ASN D 126 13.11 17.73 -4.68
N GLU D 127 14.19 18.30 -4.12
CA GLU D 127 15.43 18.49 -4.87
C GLU D 127 16.05 17.17 -5.28
N GLY D 128 15.91 16.15 -4.44
CA GLY D 128 16.46 14.83 -4.74
C GLY D 128 15.88 14.31 -6.05
N LEU D 129 14.55 14.40 -6.19
CA LEU D 129 13.88 13.96 -7.42
C LEU D 129 14.36 14.82 -8.61
N LYS D 130 14.39 16.14 -8.42
CA LYS D 130 14.86 17.04 -9.47
C LYS D 130 16.22 16.62 -9.98
N THR D 131 17.15 16.39 -9.06
CA THR D 131 18.51 15.95 -9.40
C THR D 131 18.48 14.65 -10.21
N ILE D 132 17.64 13.70 -9.80
CA ILE D 132 17.56 12.41 -10.51
C ILE D 132 17.05 12.60 -11.94
N LEU D 133 16.02 13.42 -12.09
N LEU D 133 16.03 13.43 -12.09
CA LEU D 133 15.41 13.67 -13.39
CA LEU D 133 15.41 13.66 -13.39
C LEU D 133 16.33 14.46 -14.32
C LEU D 133 16.29 14.51 -14.32
N LEU D 134 17.21 15.26 -13.73
CA LEU D 134 18.22 16.03 -14.48
C LEU D 134 19.41 15.18 -14.92
N SER D 135 19.46 13.95 -14.44
CA SER D 135 20.55 13.04 -14.77
C SER D 135 20.52 12.60 -16.23
N LYS D 136 21.53 11.85 -16.65
CA LYS D 136 21.66 11.38 -18.03
C LYS D 136 20.80 10.18 -18.34
N ILE D 137 20.20 9.57 -17.31
CA ILE D 137 19.38 8.41 -17.61
C ILE D 137 18.11 8.90 -18.36
N PRO D 138 17.63 8.13 -19.34
CA PRO D 138 16.48 8.55 -20.16
C PRO D 138 15.24 8.88 -19.32
N SER D 139 14.37 9.75 -19.85
CA SER D 139 13.14 10.08 -19.11
C SER D 139 11.96 10.43 -20.02
N PHE D 140 10.77 10.25 -19.47
CA PHE D 140 9.50 10.57 -20.14
C PHE D 140 8.81 11.49 -19.15
N LEU D 141 8.95 12.79 -19.34
CA LEU D 141 8.52 13.74 -18.31
C LEU D 141 7.26 14.51 -18.71
N TRP D 142 6.23 14.39 -17.87
CA TRP D 142 4.98 15.07 -18.08
C TRP D 142 4.93 16.11 -17.00
N LEU D 143 5.28 17.35 -17.35
CA LEU D 143 5.56 18.37 -16.33
C LEU D 143 4.74 19.61 -16.50
N PHE D 144 4.68 20.40 -15.43
CA PHE D 144 4.01 21.69 -15.52
C PHE D 144 4.93 22.82 -16.04
N GLU D 145 6.22 22.55 -16.11
CA GLU D 145 7.20 23.45 -16.72
C GLU D 145 8.39 22.63 -17.19
N GLU D 146 9.03 23.06 -18.28
CA GLU D 146 10.13 22.31 -18.84
C GLU D 146 11.29 22.28 -17.85
N LEU D 147 11.91 21.11 -17.71
CA LEU D 147 13.01 20.94 -16.78
C LEU D 147 14.31 21.09 -17.52
N LYS D 148 14.41 20.42 -18.66
CA LYS D 148 15.61 20.35 -19.48
C LYS D 148 15.33 19.22 -20.46
N GLU D 149 15.55 19.49 -21.75
CA GLU D 149 15.12 18.62 -22.85
C GLU D 149 13.59 18.67 -22.97
N ASP D 150 13.11 18.41 -24.19
CA ASP D 150 11.70 18.37 -24.49
C ASP D 150 10.97 17.51 -23.46
N CYS D 151 9.93 18.09 -22.87
CA CYS D 151 9.04 17.33 -22.02
C CYS D 151 7.63 17.47 -22.59
N LEU D 152 6.71 16.67 -22.05
CA LEU D 152 5.32 16.82 -22.39
C LEU D 152 4.77 17.83 -21.39
N LEU D 153 4.24 18.94 -21.89
CA LEU D 153 3.87 20.05 -21.03
C LEU D 153 2.39 20.02 -20.69
N LEU D 154 2.08 20.16 -19.40
CA LEU D 154 0.73 20.21 -18.89
C LEU D 154 0.49 21.56 -18.20
N LYS D 155 -0.78 21.96 -18.14
CA LYS D 155 -1.17 23.15 -17.41
C LYS D 155 -1.67 22.76 -16.00
N GLU D 156 -0.93 23.21 -14.98
CA GLU D 156 -1.19 22.81 -13.60
C GLU D 156 -2.60 23.09 -13.07
N HIS D 157 -3.17 24.24 -13.45
CA HIS D 157 -4.46 24.64 -12.89
C HIS D 157 -5.59 24.52 -13.90
N ASP D 158 -5.33 23.73 -14.94
CA ASP D 158 -6.33 23.39 -15.96
C ASP D 158 -7.42 22.55 -15.30
N SER D 159 -8.67 23.03 -15.32
CA SER D 159 -9.75 22.29 -14.67
C SER D 159 -9.98 20.93 -15.35
N LEU D 160 -9.48 20.76 -16.59
CA LEU D 160 -9.66 19.49 -17.34
C LEU D 160 -8.43 18.59 -17.29
N LEU D 161 -7.46 18.98 -16.44
CA LEU D 161 -6.20 18.25 -16.36
C LEU D 161 -6.40 16.74 -16.19
N ASP D 162 -7.31 16.36 -15.29
CA ASP D 162 -7.46 14.93 -14.98
C ASP D 162 -7.88 14.15 -16.24
N TYR D 163 -8.82 14.70 -17.00
CA TYR D 163 -9.19 14.07 -18.26
C TYR D 163 -8.03 13.97 -19.26
N LYS D 164 -7.25 15.04 -19.34
CA LYS D 164 -6.10 15.07 -20.26
C LYS D 164 -5.06 14.02 -19.91
N LEU D 165 -4.88 13.77 -18.62
CA LEU D 165 -3.94 12.73 -18.20
C LEU D 165 -4.41 11.36 -18.74
N LEU D 166 -5.69 11.06 -18.60
CA LEU D 166 -6.23 9.78 -19.11
C LEU D 166 -6.04 9.71 -20.62
N GLN D 167 -6.32 10.83 -21.28
CA GLN D 167 -6.29 10.87 -22.73
C GLN D 167 -4.86 10.62 -23.23
N LEU D 168 -3.89 11.25 -22.58
CA LEU D 168 -2.48 11.05 -22.97
C LEU D 168 -2.04 9.62 -22.69
N PHE D 169 -2.48 9.06 -21.56
CA PHE D 169 -2.17 7.65 -21.31
C PHE D 169 -2.74 6.75 -22.41
N LYS D 170 -4.01 6.98 -22.77
CA LYS D 170 -4.68 6.15 -23.74
C LYS D 170 -3.99 6.28 -25.10
N LEU D 171 -3.51 7.48 -25.39
CA LEU D 171 -2.71 7.70 -26.61
C LEU D 171 -1.41 6.87 -26.56
N PHE D 172 -0.69 6.98 -25.44
CA PHE D 172 0.52 6.21 -25.26
C PHE D 172 0.30 4.71 -25.39
N GLU D 173 -0.71 4.16 -24.70
CA GLU D 173 -0.89 2.72 -24.76
C GLU D 173 -1.29 2.25 -26.17
N ASN D 174 -2.13 3.03 -26.85
CA ASN D 174 -2.49 2.68 -28.23
C ASN D 174 -1.29 2.72 -29.17
N ALA D 175 -0.45 3.73 -28.99
CA ALA D 175 0.77 3.87 -29.77
C ALA D 175 1.68 2.68 -29.51
N LEU D 176 1.88 2.35 -28.24
CA LEU D 176 2.74 1.23 -27.87
C LEU D 176 2.28 -0.08 -28.49
N PHE D 177 1.00 -0.40 -28.38
CA PHE D 177 0.52 -1.68 -28.89
C PHE D 177 0.34 -1.67 -30.41
N SER D 178 0.20 -0.47 -30.96
CA SER D 178 0.17 -0.35 -32.41
C SER D 178 1.53 -0.73 -33.00
N VAL D 179 2.62 -0.41 -32.30
CA VAL D 179 3.94 -0.82 -32.77
C VAL D 179 4.17 -2.33 -32.52
N LEU D 180 3.89 -2.78 -31.30
CA LEU D 180 3.74 -4.22 -31.07
C LEU D 180 2.61 -4.60 -32.01
N TYR D 181 2.46 -5.87 -32.38
CA TYR D 181 1.28 -6.19 -33.20
C TYR D 181 1.37 -5.57 -34.60
N ASN D 182 2.48 -4.87 -34.88
CA ASN D 182 2.81 -4.36 -36.22
C ASN D 182 1.68 -3.74 -37.03
N LYS D 183 1.09 -2.67 -36.50
CA LYS D 183 0.11 -1.88 -37.24
C LYS D 183 0.79 -0.61 -37.72
N VAL D 184 1.84 -0.22 -36.99
CA VAL D 184 2.50 1.07 -37.13
C VAL D 184 4.00 0.83 -37.00
N THR D 185 4.81 1.51 -37.81
CA THR D 185 6.28 1.47 -37.66
C THR D 185 6.82 2.81 -37.20
N LEU D 186 7.81 2.79 -36.30
CA LEU D 186 8.39 4.00 -35.74
C LEU D 186 9.27 4.78 -36.73
#